data_8JP0
#
_entry.id   8JP0
#
_cell.length_a   1.00
_cell.length_b   1.00
_cell.length_c   1.00
_cell.angle_alpha   90.00
_cell.angle_beta   90.00
_cell.angle_gamma   90.00
#
_symmetry.space_group_name_H-M   'P 1'
#
loop_
_entity.id
_entity.type
_entity.pdbx_description
1 polymer 'Sodium/calcium exchanger 1'
2 non-polymer 2-{4-[(2,5-difluorophenyl)methoxy]phenoxy}-5-ethoxyaniline
#
_entity_poly.entity_id   1
_entity_poly.type   'polypeptide(L)'
_entity_poly.pdbx_seq_one_letter_code
;MYNMRRLSLSPTFSMGFHLLVTVSLLFSHVDHVIAETEMEGEGNETGECTGSYYCKKGVILPIWEPQDPSFGDKIARATV
YFVAMVYMFLGVSIIADRFMSSIEVITSQEKEITIKKPNGETTKTTVRIWNETVSNLTLMALGSSAPEILLSVIEVCGHN
FTAGDLGPSTIVGSAAFNMFIIIALCVYVVPDGETRKIKHLRVFFVTAAWSIFAYTWLYIILSVISPGVVEVWEGLLTFF
FFPICVVFAWVADRRLLFYKYVYKRYRAGKQRGMIIEHEGDRPSSKTEIEMDGKVVNSHVENFLDGALVLEVDERDQDDE
EARREMARILKELKQKHPDKEIEQLIELANYQVLSQQQKSRAFYRIQATRLMTGAGNILKRHAADQARKAVSMHEVNTEV
TENDPVSKIFFEQGTYQCLENCGTVALTIIRRGGDLTNTVFVDFRTEDGTANAGSDYEFTEGTVVFKPGDTQKEIRVGII
DDDIFEEDENFLVHLSNVKVSSEASEDGILEANHVSTLACLGSPSTATVTIFDDDHAGIFTFEEPVTHVSESIGIMEVKV
LRTSGARGNVIVPYKTIEGTARGGGEDFEDTCGELEFQNDEIVKIITIRIFDREEYEKECSFSLVLEEPKWIRRGMKGGF
TITDEYDDKQPLTSKEEEERRIAEMGRPILGEHTKLEVIIEESYEFKSTVDKLIKKTNLALVVGTNSWREQFIEAITVSA
GEDDDDDECGEEKLPSCFDYVMHFLTVFWKVLFAFVPPTEYWNGWACFIVSILMIGLLTAFIGDLASHFGCTIGLKDSVT
AVVFVALGTSVPDTFASKVAATQDQYADASIGNVTGSNAVNVFLGIGVAWSIAAIYHAANGEQFKVSPGTLAFSVTLFTI
FAFINVGVLLYRRRPEIGGELGGPRTAKLLTSCLFVLLWLLYIFFSSLEAYCHIKGF
;
_entity_poly.pdbx_strand_id   A
#
loop_
_chem_comp.id
_chem_comp.type
_chem_comp.name
_chem_comp.formula
EKY non-polymer 2-{4-[(2,5-difluorophenyl)methoxy]phenoxy}-5-ethoxyaniline 'C21 H19 F2 N O3'
#
# COMPACT_ATOMS: atom_id res chain seq x y z
N GLY A 51 52.39 27.70 5.78
CA GLY A 51 51.70 28.20 4.59
C GLY A 51 51.85 27.27 3.40
N SER A 52 50.71 26.80 2.88
CA SER A 52 50.73 25.87 1.75
C SER A 52 49.81 26.33 0.62
N TYR A 53 48.73 27.03 0.97
CA TYR A 53 47.73 27.44 -0.01
C TYR A 53 47.44 28.93 0.11
N TYR A 54 47.24 29.56 -1.05
CA TYR A 54 46.69 30.91 -1.12
C TYR A 54 45.17 30.80 -1.27
N CYS A 55 44.51 31.92 -1.56
CA CYS A 55 43.06 31.98 -1.50
C CYS A 55 42.46 32.40 -2.84
N LYS A 56 41.13 32.32 -2.90
CA LYS A 56 40.36 32.72 -4.06
C LYS A 56 39.20 33.61 -3.59
N LYS A 57 38.96 34.70 -4.31
CA LYS A 57 37.94 35.65 -3.91
C LYS A 57 36.55 35.02 -4.04
N GLY A 58 35.70 35.27 -3.05
CA GLY A 58 34.42 34.62 -2.95
C GLY A 58 33.35 35.26 -3.82
N VAL A 59 32.10 34.90 -3.52
CA VAL A 59 30.96 35.51 -4.19
C VAL A 59 30.48 36.76 -3.46
N ILE A 60 30.32 36.65 -2.15
CA ILE A 60 29.98 37.79 -1.29
C ILE A 60 31.15 38.17 -0.39
N LEU A 61 31.66 37.21 0.39
CA LEU A 61 32.74 37.48 1.31
C LEU A 61 34.03 37.78 0.53
N PRO A 62 34.83 38.73 0.98
CA PRO A 62 36.14 38.96 0.36
C PRO A 62 37.21 38.07 0.98
N ILE A 63 38.40 38.15 0.40
CA ILE A 63 39.54 37.40 0.93
C ILE A 63 39.96 38.00 2.26
N TRP A 64 40.31 37.14 3.21
CA TRP A 64 40.86 37.61 4.47
C TRP A 64 42.14 38.39 4.21
N GLU A 65 42.29 39.51 4.91
CA GLU A 65 43.25 40.55 4.52
C GLU A 65 44.69 40.07 4.52
N PRO A 66 45.27 39.63 5.65
CA PRO A 66 46.69 39.20 5.60
C PRO A 66 46.91 37.94 4.78
N GLN A 67 46.01 36.97 4.89
CA GLN A 67 45.97 35.78 4.03
C GLN A 67 47.12 34.80 4.33
N ASP A 68 48.06 35.19 5.18
CA ASP A 68 49.14 34.28 5.51
C ASP A 68 49.83 34.63 6.83
N PRO A 69 49.14 34.55 7.96
CA PRO A 69 49.83 34.71 9.25
C PRO A 69 50.45 33.40 9.72
N SER A 70 51.01 33.41 10.92
CA SER A 70 51.59 32.21 11.51
C SER A 70 50.49 31.19 11.84
N PHE A 71 50.94 29.98 12.20
CA PHE A 71 50.00 28.93 12.59
C PHE A 71 49.20 29.32 13.82
N GLY A 72 49.65 30.33 14.56
CA GLY A 72 48.82 30.89 15.63
C GLY A 72 47.59 31.61 15.12
N ASP A 73 47.54 31.88 13.81
CA ASP A 73 46.34 32.44 13.19
C ASP A 73 45.92 31.70 11.94
N LYS A 74 46.72 30.73 11.46
CA LYS A 74 46.31 29.85 10.38
C LYS A 74 45.23 28.85 10.80
N ILE A 75 44.82 28.89 12.07
CA ILE A 75 43.84 27.94 12.60
C ILE A 75 42.62 28.64 13.18
N ALA A 76 42.81 29.73 13.92
CA ALA A 76 41.69 30.36 14.61
C ALA A 76 40.65 30.87 13.61
N ARG A 77 41.10 31.50 12.54
CA ARG A 77 40.16 31.88 11.49
C ARG A 77 39.52 30.65 10.85
N ALA A 78 40.26 29.54 10.79
CA ALA A 78 39.69 28.33 10.20
C ALA A 78 38.61 27.73 11.07
N THR A 79 38.82 27.67 12.38
CA THR A 79 37.76 27.16 13.26
C THR A 79 36.58 28.13 13.34
N VAL A 80 36.84 29.43 13.22
CA VAL A 80 35.72 30.37 13.14
C VAL A 80 34.90 30.12 11.88
N TYR A 81 35.59 29.91 10.75
CA TYR A 81 34.91 29.50 9.53
C TYR A 81 34.06 28.26 9.76
N PHE A 82 34.64 27.24 10.40
CA PHE A 82 33.89 25.99 10.57
C PHE A 82 32.65 26.20 11.43
N VAL A 83 32.77 26.97 12.52
CA VAL A 83 31.61 27.20 13.37
C VAL A 83 30.54 27.96 12.61
N ALA A 84 30.94 28.99 11.87
CA ALA A 84 29.95 29.73 11.07
C ALA A 84 29.30 28.82 10.05
N MET A 85 30.04 27.86 9.51
CA MET A 85 29.47 26.96 8.51
C MET A 85 28.44 26.02 9.12
N VAL A 86 28.75 25.43 10.28
CA VAL A 86 27.75 24.57 10.90
C VAL A 86 26.52 25.38 11.31
N TYR A 87 26.73 26.65 11.65
CA TYR A 87 25.60 27.47 12.07
C TYR A 87 24.70 27.80 10.87
N MET A 88 25.32 28.12 9.73
CA MET A 88 24.53 28.30 8.51
C MET A 88 23.89 26.98 8.09
N PHE A 89 24.48 25.85 8.45
CA PHE A 89 23.84 24.56 8.17
C PHE A 89 22.57 24.39 8.97
N LEU A 90 22.58 24.79 10.25
CA LEU A 90 21.33 24.79 11.01
C LEU A 90 20.30 25.72 10.36
N GLY A 91 20.74 26.91 9.93
CA GLY A 91 19.85 27.78 9.20
C GLY A 91 19.21 27.12 8.00
N VAL A 92 20.04 26.49 7.16
CA VAL A 92 19.54 25.84 5.95
C VAL A 92 18.61 24.69 6.31
N SER A 93 18.91 23.97 7.39
CA SER A 93 18.01 22.92 7.87
C SER A 93 16.62 23.47 8.12
N ILE A 94 16.52 24.54 8.92
CA ILE A 94 15.21 25.08 9.25
C ILE A 94 14.51 25.59 7.98
N ILE A 95 15.26 26.24 7.10
CA ILE A 95 14.65 26.79 5.89
C ILE A 95 14.12 25.68 4.99
N ALA A 96 14.89 24.62 4.78
CA ALA A 96 14.41 23.53 3.94
C ALA A 96 13.24 22.80 4.60
N ASP A 97 13.21 22.77 5.94
CA ASP A 97 12.01 22.29 6.63
C ASP A 97 10.79 23.09 6.20
N ARG A 98 10.89 24.43 6.27
CA ARG A 98 9.76 25.26 5.87
C ARG A 98 9.44 25.08 4.39
N PHE A 99 10.48 24.93 3.57
CA PHE A 99 10.29 24.77 2.13
C PHE A 99 9.50 23.51 1.82
N MET A 100 9.87 22.40 2.44
CA MET A 100 9.11 21.16 2.27
C MET A 100 7.69 21.32 2.81
N SER A 101 7.56 21.98 3.97
CA SER A 101 6.24 22.17 4.55
C SER A 101 5.39 23.18 3.80
N SER A 102 5.93 23.81 2.76
CA SER A 102 5.12 24.68 1.91
C SER A 102 5.06 24.24 0.45
N ILE A 103 5.88 23.26 0.03
CA ILE A 103 5.65 22.58 -1.22
C ILE A 103 4.76 21.37 -1.03
N GLU A 104 4.29 21.13 0.20
CA GLU A 104 3.31 20.11 0.50
C GLU A 104 1.90 20.68 0.55
N VAL A 105 1.75 21.98 0.82
CA VAL A 105 0.43 22.60 0.79
C VAL A 105 -0.09 22.65 -0.65
N ILE A 106 0.76 23.07 -1.59
CA ILE A 106 0.45 22.87 -3.00
C ILE A 106 0.62 21.38 -3.26
N THR A 107 0.18 20.92 -4.42
CA THR A 107 0.18 19.49 -4.73
C THR A 107 -0.57 18.72 -3.65
N SER A 108 -1.70 19.27 -3.22
CA SER A 108 -2.54 18.64 -2.23
C SER A 108 -3.96 19.15 -2.39
N GLN A 109 -4.92 18.31 -2.05
CA GLN A 109 -6.33 18.63 -2.16
C GLN A 109 -6.91 18.91 -0.78
N GLU A 110 -7.91 19.78 -0.74
CA GLU A 110 -8.63 20.10 0.48
C GLU A 110 -10.09 19.72 0.33
N LYS A 111 -10.60 18.96 1.28
CA LYS A 111 -12.00 18.56 1.31
C LYS A 111 -12.69 19.29 2.45
N GLU A 112 -13.97 19.62 2.26
CA GLU A 112 -14.73 20.33 3.26
C GLU A 112 -15.48 19.34 4.14
N ILE A 113 -15.32 19.46 5.45
CA ILE A 113 -15.92 18.56 6.41
C ILE A 113 -16.78 19.36 7.37
N THR A 114 -17.97 18.83 7.66
CA THR A 114 -18.90 19.43 8.58
C THR A 114 -19.24 18.41 9.67
N ILE A 115 -19.24 18.86 10.92
CA ILE A 115 -19.55 18.01 12.05
C ILE A 115 -20.62 18.69 12.89
N LYS A 116 -21.71 17.97 13.14
CA LYS A 116 -22.82 18.52 13.91
C LYS A 116 -22.55 18.27 15.39
N LYS A 117 -22.24 19.35 16.11
CA LYS A 117 -21.96 19.23 17.53
C LYS A 117 -23.24 18.87 18.29
N PRO A 118 -23.16 18.01 19.31
CA PRO A 118 -24.37 17.63 20.04
C PRO A 118 -25.06 18.79 20.74
N ASN A 119 -24.36 19.91 20.99
CA ASN A 119 -24.97 21.04 21.68
C ASN A 119 -26.15 21.63 20.91
N GLY A 120 -26.20 21.45 19.59
CA GLY A 120 -27.28 22.00 18.80
C GLY A 120 -26.80 22.79 17.61
N GLU A 121 -25.48 22.90 17.46
CA GLU A 121 -24.86 23.61 16.36
C GLU A 121 -23.85 22.69 15.66
N THR A 122 -23.07 23.26 14.75
CA THR A 122 -22.17 22.48 13.93
C THR A 122 -20.95 23.30 13.57
N THR A 123 -20.01 22.65 12.89
CA THR A 123 -18.76 23.27 12.46
C THR A 123 -18.47 22.84 11.03
N LYS A 124 -18.29 23.83 10.15
CA LYS A 124 -18.00 23.63 8.74
C LYS A 124 -16.60 24.17 8.46
N THR A 125 -15.67 23.27 8.11
CA THR A 125 -14.29 23.67 7.94
C THR A 125 -13.65 22.84 6.83
N THR A 126 -12.84 23.48 6.00
CA THR A 126 -12.11 22.77 4.96
C THR A 126 -10.74 22.35 5.51
N VAL A 127 -10.31 21.16 5.12
CA VAL A 127 -9.06 20.58 5.60
C VAL A 127 -8.36 19.93 4.42
N ARG A 128 -7.07 20.19 4.28
CA ARG A 128 -6.31 19.60 3.18
C ARG A 128 -6.05 18.12 3.45
N ILE A 129 -5.86 17.36 2.38
CA ILE A 129 -5.49 15.95 2.45
C ILE A 129 -4.39 15.75 1.41
N TRP A 130 -3.14 15.69 1.86
CA TRP A 130 -2.02 15.56 0.93
C TRP A 130 -2.07 14.20 0.25
N ASN A 131 -2.29 14.21 -1.07
CA ASN A 131 -2.33 12.98 -1.85
C ASN A 131 -0.90 12.49 -2.03
N GLU A 132 -0.61 11.29 -1.55
CA GLU A 132 0.75 10.75 -1.59
C GLU A 132 0.88 9.79 -2.78
N THR A 133 0.99 10.37 -3.97
CA THR A 133 1.26 9.61 -5.18
C THR A 133 2.75 9.31 -5.28
N VAL A 134 3.18 8.83 -6.44
CA VAL A 134 4.61 8.74 -6.69
C VAL A 134 5.16 10.10 -7.08
N SER A 135 4.33 10.96 -7.67
CA SER A 135 4.76 12.31 -8.00
C SER A 135 5.02 13.12 -6.73
N ASN A 136 4.14 13.02 -5.75
CA ASN A 136 4.32 13.76 -4.51
C ASN A 136 5.51 13.27 -3.68
N LEU A 137 6.27 12.28 -4.15
CA LEU A 137 7.55 11.95 -3.55
C LEU A 137 8.74 12.37 -4.40
N THR A 138 8.54 12.65 -5.69
CA THR A 138 9.58 13.28 -6.49
C THR A 138 9.42 14.79 -6.57
N LEU A 139 8.42 15.35 -5.88
CA LEU A 139 8.34 16.77 -5.65
C LEU A 139 8.70 17.13 -4.22
N MET A 140 9.15 16.15 -3.44
CA MET A 140 9.72 16.40 -2.13
C MET A 140 11.04 15.69 -1.92
N ALA A 141 11.42 14.75 -2.79
CA ALA A 141 12.82 14.38 -2.90
C ALA A 141 13.62 15.46 -3.60
N LEU A 142 12.94 16.39 -4.27
CA LEU A 142 13.53 17.54 -4.92
C LEU A 142 13.60 18.73 -3.97
N GLY A 143 12.46 19.10 -3.38
CA GLY A 143 12.47 20.19 -2.41
C GLY A 143 13.44 19.94 -1.28
N SER A 144 13.42 18.74 -0.72
CA SER A 144 14.34 18.39 0.36
C SER A 144 15.79 18.46 -0.09
N SER A 145 16.00 18.47 -1.41
CA SER A 145 17.37 18.55 -1.99
C SER A 145 17.55 19.88 -2.69
N ALA A 146 16.84 20.92 -2.26
CA ALA A 146 17.04 22.25 -2.84
C ALA A 146 18.46 22.78 -2.68
N PRO A 147 19.16 22.62 -1.53
CA PRO A 147 20.51 23.17 -1.43
C PRO A 147 21.48 22.66 -2.49
N GLU A 148 21.70 21.35 -2.55
CA GLU A 148 22.76 20.78 -3.42
C GLU A 148 22.54 21.09 -4.88
N ILE A 149 21.42 21.72 -5.24
CA ILE A 149 21.26 22.17 -6.62
C ILE A 149 21.73 23.60 -6.71
N LEU A 150 21.15 24.47 -5.88
CA LEU A 150 21.41 25.90 -5.99
C LEU A 150 22.89 26.21 -5.77
N LEU A 151 23.52 25.51 -4.82
CA LEU A 151 24.96 25.67 -4.63
C LEU A 151 25.69 25.47 -5.95
N SER A 152 25.41 24.36 -6.64
CA SER A 152 26.04 24.11 -7.92
C SER A 152 25.77 25.23 -8.92
N VAL A 153 24.58 25.82 -8.85
CA VAL A 153 24.25 26.90 -9.77
C VAL A 153 25.11 28.13 -9.49
N ILE A 154 25.42 28.38 -8.22
CA ILE A 154 26.09 29.63 -7.87
C ILE A 154 27.55 29.57 -8.24
N GLU A 155 28.25 28.49 -7.87
CA GLU A 155 29.68 28.36 -8.07
C GLU A 155 30.13 28.79 -9.45
N VAL A 156 29.62 28.11 -10.48
CA VAL A 156 30.06 28.41 -11.85
C VAL A 156 29.73 29.85 -12.21
N CYS A 157 28.58 30.35 -11.75
CA CYS A 157 28.27 31.77 -11.96
C CYS A 157 29.24 32.64 -11.19
N GLY A 158 29.47 32.32 -9.92
CA GLY A 158 30.30 33.18 -9.09
C GLY A 158 31.74 33.25 -9.59
N HIS A 159 32.33 32.11 -9.88
CA HIS A 159 33.75 32.03 -10.21
C HIS A 159 34.01 32.12 -11.71
N ASN A 160 33.45 33.15 -12.33
CA ASN A 160 33.85 33.58 -13.69
C ASN A 160 33.56 32.51 -14.74
N PHE A 161 32.44 31.81 -14.59
CA PHE A 161 32.00 30.81 -15.56
C PHE A 161 33.05 29.75 -15.83
N THR A 162 33.78 29.35 -14.79
CA THR A 162 34.75 28.28 -14.87
C THR A 162 34.35 27.18 -13.90
N ALA A 163 34.80 25.96 -14.17
CA ALA A 163 34.36 24.82 -13.39
C ALA A 163 34.86 24.94 -11.95
N GLY A 164 33.98 25.34 -11.04
CA GLY A 164 34.34 25.43 -9.64
C GLY A 164 34.13 24.11 -8.93
N ASP A 165 35.22 23.40 -8.64
CA ASP A 165 35.12 22.02 -8.16
C ASP A 165 34.69 22.02 -6.69
N LEU A 166 33.48 22.50 -6.46
CA LEU A 166 32.76 22.23 -5.23
C LEU A 166 31.30 21.96 -5.50
N GLY A 167 30.93 21.72 -6.76
CA GLY A 167 29.59 21.31 -7.10
C GLY A 167 29.50 19.81 -7.29
N PRO A 168 30.29 19.26 -8.20
CA PRO A 168 30.31 17.79 -8.36
C PRO A 168 30.77 17.07 -7.12
N SER A 169 31.78 17.60 -6.42
CA SER A 169 32.25 16.94 -5.21
C SER A 169 31.16 16.88 -4.15
N THR A 170 30.43 17.98 -3.96
CA THR A 170 29.36 17.94 -2.96
C THR A 170 28.18 17.10 -3.44
N ILE A 171 27.92 17.07 -4.76
CA ILE A 171 26.85 16.24 -5.28
C ILE A 171 27.14 14.77 -4.98
N VAL A 172 28.35 14.32 -5.33
CA VAL A 172 28.68 12.91 -5.11
C VAL A 172 28.81 12.60 -3.62
N GLY A 173 29.35 13.54 -2.84
CA GLY A 173 29.46 13.33 -1.41
C GLY A 173 28.12 13.17 -0.75
N SER A 174 27.16 14.04 -1.10
CA SER A 174 25.83 13.95 -0.51
C SER A 174 25.08 12.73 -1.03
N ALA A 175 25.33 12.33 -2.29
CA ALA A 175 24.76 11.11 -2.80
C ALA A 175 25.18 9.92 -1.98
N ALA A 176 26.50 9.75 -1.79
CA ALA A 176 26.99 8.63 -1.01
C ALA A 176 26.53 8.72 0.43
N PHE A 177 26.55 9.93 1.01
CA PHE A 177 26.14 10.06 2.40
C PHE A 177 24.69 9.62 2.59
N ASN A 178 23.81 10.09 1.72
CA ASN A 178 22.38 9.73 1.89
C ASN A 178 22.26 8.24 1.71
N MET A 179 22.71 7.76 0.58
CA MET A 179 22.48 6.37 0.21
C MET A 179 23.15 5.39 1.16
N PHE A 180 24.08 5.85 2.00
CA PHE A 180 24.71 4.93 2.93
C PHE A 180 24.37 5.18 4.39
N ILE A 181 23.82 6.34 4.74
CA ILE A 181 23.53 6.66 6.14
C ILE A 181 22.05 6.85 6.38
N ILE A 182 21.34 7.55 5.48
CA ILE A 182 19.89 7.60 5.64
C ILE A 182 19.30 6.21 5.55
N ILE A 183 19.92 5.32 4.79
CA ILE A 183 19.44 3.95 4.73
C ILE A 183 19.70 3.23 6.05
N ALA A 184 20.86 3.48 6.66
CA ALA A 184 21.15 2.91 7.97
C ALA A 184 20.13 3.38 9.01
N LEU A 185 19.75 4.65 8.94
CA LEU A 185 18.71 5.16 9.84
C LEU A 185 17.36 4.56 9.52
N CYS A 186 17.00 4.46 8.24
CA CYS A 186 15.74 3.83 7.88
C CYS A 186 15.69 2.38 8.36
N VAL A 187 16.85 1.77 8.58
CA VAL A 187 16.88 0.42 9.13
C VAL A 187 16.76 0.45 10.65
N TYR A 188 17.53 1.30 11.32
CA TYR A 188 17.63 1.28 12.78
C TYR A 188 17.00 2.53 13.43
N VAL A 189 15.86 2.97 12.92
CA VAL A 189 15.09 4.00 13.62
C VAL A 189 13.64 3.53 13.71
N VAL A 190 13.34 2.40 13.08
CA VAL A 190 12.02 1.78 13.14
C VAL A 190 11.75 1.36 14.58
N PRO A 191 10.53 0.93 14.95
CA PRO A 191 10.28 0.54 16.35
C PRO A 191 11.16 -0.62 16.79
N ASP A 192 11.07 -0.97 18.08
CA ASP A 192 11.99 -1.93 18.68
C ASP A 192 12.10 -3.20 17.83
N GLY A 193 10.99 -3.93 17.68
CA GLY A 193 10.98 -5.00 16.72
C GLY A 193 9.72 -5.04 15.88
N GLU A 194 9.86 -4.79 14.58
CA GLU A 194 8.78 -4.82 13.61
C GLU A 194 9.39 -4.49 12.25
N THR A 195 8.69 -4.88 11.19
CA THR A 195 9.11 -4.58 9.83
C THR A 195 8.08 -3.71 9.14
N ARG A 196 8.54 -2.98 8.12
CA ARG A 196 7.70 -2.23 7.21
C ARG A 196 8.09 -2.56 5.77
N LYS A 197 8.29 -3.84 5.50
CA LYS A 197 9.00 -4.28 4.30
C LYS A 197 8.37 -3.70 3.04
N ILE A 198 9.24 -3.33 2.10
CA ILE A 198 8.87 -2.74 0.81
C ILE A 198 7.81 -3.60 0.12
N LYS A 199 6.87 -2.96 -0.56
CA LYS A 199 5.82 -3.63 -1.30
C LYS A 199 6.01 -3.52 -2.81
N HIS A 200 6.15 -2.31 -3.33
CA HIS A 200 6.34 -2.13 -4.76
C HIS A 200 7.80 -2.32 -5.14
N LEU A 201 8.37 -3.45 -4.72
CA LEU A 201 9.69 -3.89 -5.15
C LEU A 201 9.80 -3.98 -6.67
N ARG A 202 8.67 -3.97 -7.37
CA ARG A 202 8.67 -4.11 -8.83
C ARG A 202 9.23 -2.87 -9.51
N VAL A 203 9.11 -1.70 -8.87
CA VAL A 203 9.58 -0.45 -9.46
C VAL A 203 10.89 0.02 -8.82
N PHE A 204 11.28 -0.53 -7.66
CA PHE A 204 12.54 -0.14 -7.06
C PHE A 204 13.72 -0.50 -7.95
N PHE A 205 13.65 -1.62 -8.67
CA PHE A 205 14.73 -1.95 -9.60
C PHE A 205 14.95 -0.83 -10.60
N VAL A 206 13.87 -0.35 -11.22
CA VAL A 206 13.99 0.73 -12.20
C VAL A 206 14.52 2.00 -11.54
N THR A 207 13.96 2.36 -10.37
CA THR A 207 14.38 3.61 -9.73
C THR A 207 15.85 3.57 -9.36
N ALA A 208 16.32 2.45 -8.80
CA ALA A 208 17.70 2.37 -8.34
C ALA A 208 18.66 2.25 -9.52
N ALA A 209 18.26 1.54 -10.58
CA ALA A 209 19.12 1.47 -11.76
C ALA A 209 19.22 2.82 -12.45
N TRP A 210 18.17 3.65 -12.35
CA TRP A 210 18.31 5.01 -12.85
C TRP A 210 19.21 5.85 -11.97
N SER A 211 18.97 5.81 -10.65
CA SER A 211 19.79 6.57 -9.71
C SER A 211 21.28 6.22 -9.85
N ILE A 212 21.60 4.98 -10.18
CA ILE A 212 23.00 4.57 -10.35
C ILE A 212 23.48 4.75 -11.78
N PHE A 213 22.57 4.82 -12.76
CA PHE A 213 22.95 5.25 -14.10
C PHE A 213 23.31 6.73 -14.11
N ALA A 214 22.78 7.49 -13.17
CA ALA A 214 23.03 8.92 -13.13
C ALA A 214 24.49 9.22 -12.81
N TYR A 215 25.02 8.64 -11.73
CA TYR A 215 26.37 8.97 -11.31
C TYR A 215 27.42 8.41 -12.26
N THR A 216 27.20 7.24 -12.83
CA THR A 216 28.13 6.74 -13.84
C THR A 216 27.90 7.38 -15.21
N TRP A 217 27.10 8.44 -15.25
CA TRP A 217 26.95 9.26 -16.45
C TRP A 217 27.88 10.48 -16.41
N LEU A 218 28.20 10.97 -15.21
CA LEU A 218 29.24 11.98 -15.06
C LEU A 218 30.55 11.47 -15.64
N TYR A 219 30.93 10.24 -15.33
CA TYR A 219 32.09 9.62 -15.95
C TYR A 219 31.93 9.57 -17.46
N ILE A 220 30.71 9.46 -17.96
CA ILE A 220 30.49 9.31 -19.39
C ILE A 220 30.70 10.63 -20.12
N ILE A 221 30.19 11.73 -19.57
CA ILE A 221 30.17 12.99 -20.32
C ILE A 221 31.58 13.55 -20.48
N LEU A 222 32.40 13.48 -19.43
CA LEU A 222 33.66 14.19 -19.40
C LEU A 222 34.89 13.29 -19.48
N SER A 223 34.71 12.00 -19.77
CA SER A 223 35.86 11.11 -19.82
C SER A 223 35.92 10.15 -21.00
N VAL A 224 34.79 9.80 -21.65
CA VAL A 224 34.79 8.77 -22.66
C VAL A 224 34.41 9.30 -24.04
N ILE A 225 33.41 10.17 -24.13
CA ILE A 225 33.12 10.82 -25.41
C ILE A 225 34.12 11.95 -25.67
N SER A 226 34.23 12.87 -24.71
CA SER A 226 35.34 13.81 -24.70
C SER A 226 35.97 13.77 -23.32
N PRO A 227 37.28 13.50 -23.22
CA PRO A 227 37.93 13.31 -21.91
C PRO A 227 38.46 14.58 -21.27
N GLY A 228 37.55 15.41 -20.77
CA GLY A 228 37.95 16.66 -20.16
C GLY A 228 37.10 17.85 -20.56
N VAL A 229 36.03 17.60 -21.30
CA VAL A 229 35.16 18.65 -21.79
C VAL A 229 33.72 18.25 -21.58
N VAL A 230 32.91 19.17 -21.05
CA VAL A 230 31.47 19.03 -21.06
C VAL A 230 31.01 19.71 -22.35
N GLU A 231 30.93 18.93 -23.42
CA GLU A 231 30.70 19.48 -24.73
C GLU A 231 29.28 20.06 -24.82
N VAL A 232 29.05 20.88 -25.85
CA VAL A 232 27.83 21.69 -25.90
C VAL A 232 26.59 20.82 -25.91
N TRP A 233 26.56 19.78 -26.74
CA TRP A 233 25.35 18.99 -26.89
C TRP A 233 25.03 18.24 -25.59
N GLU A 234 26.02 17.56 -25.03
CA GLU A 234 25.84 17.02 -23.69
C GLU A 234 25.72 18.17 -22.69
N GLY A 235 25.22 17.84 -21.51
CA GLY A 235 24.85 18.87 -20.56
C GLY A 235 23.44 19.35 -20.83
N LEU A 236 23.05 19.41 -22.10
CA LEU A 236 21.65 19.69 -22.43
C LEU A 236 20.77 18.50 -22.05
N LEU A 237 21.19 17.29 -22.42
CA LEU A 237 20.43 16.10 -22.05
C LEU A 237 20.49 15.82 -20.57
N THR A 238 21.52 16.32 -19.86
CA THR A 238 21.57 16.13 -18.42
C THR A 238 20.38 16.76 -17.74
N PHE A 239 19.82 17.80 -18.34
CA PHE A 239 18.62 18.46 -17.85
C PHE A 239 17.38 17.78 -18.44
N PHE A 240 17.39 17.51 -19.74
CA PHE A 240 16.24 16.88 -20.39
C PHE A 240 15.91 15.53 -19.79
N PHE A 241 16.88 14.87 -19.15
CA PHE A 241 16.59 13.62 -18.46
C PHE A 241 15.75 13.82 -17.21
N PHE A 242 15.54 15.06 -16.78
CA PHE A 242 14.65 15.31 -15.66
C PHE A 242 13.19 15.23 -16.11
N PRO A 243 12.83 15.80 -17.27
CA PRO A 243 11.49 15.51 -17.79
C PRO A 243 11.21 14.03 -17.99
N ILE A 244 12.23 13.23 -18.30
CA ILE A 244 12.03 11.78 -18.32
C ILE A 244 11.49 11.32 -16.98
N CYS A 245 12.14 11.73 -15.89
CA CYS A 245 11.68 11.34 -14.56
C CYS A 245 10.29 11.87 -14.26
N VAL A 246 9.99 13.10 -14.66
CA VAL A 246 8.70 13.68 -14.28
C VAL A 246 7.56 12.99 -15.04
N VAL A 247 7.77 12.68 -16.33
CA VAL A 247 6.73 11.94 -17.04
C VAL A 247 6.63 10.51 -16.53
N PHE A 248 7.76 9.92 -16.12
CA PHE A 248 7.70 8.60 -15.52
C PHE A 248 6.81 8.58 -14.29
N ALA A 249 7.01 9.56 -13.40
CA ALA A 249 6.12 9.67 -12.24
C ALA A 249 4.68 9.94 -12.67
N TRP A 250 4.49 10.86 -13.62
CA TRP A 250 3.19 11.36 -14.00
C TRP A 250 2.38 10.35 -14.78
N VAL A 251 2.98 9.23 -15.21
CA VAL A 251 2.26 8.14 -15.83
C VAL A 251 2.22 6.89 -14.94
N ALA A 252 3.30 6.62 -14.21
CA ALA A 252 3.31 5.47 -13.32
C ALA A 252 2.58 5.72 -12.02
N ASP A 253 2.04 6.93 -11.81
CA ASP A 253 1.07 7.10 -10.74
C ASP A 253 -0.31 6.66 -11.20
N ARG A 254 -0.71 7.09 -12.40
CA ARG A 254 -2.00 6.67 -12.94
C ARG A 254 -2.04 5.18 -13.21
N ARG A 255 -0.91 4.60 -13.65
CA ARG A 255 -0.89 3.17 -13.94
C ARG A 255 -1.22 2.33 -12.71
N LEU A 256 -0.59 2.65 -11.59
CA LEU A 256 -0.81 1.91 -10.34
C LEU A 256 -1.91 2.52 -9.48
N LEU A 257 -2.58 3.58 -9.94
CA LEU A 257 -3.71 4.10 -9.20
C LEU A 257 -4.96 3.26 -9.40
N PHE A 258 -5.39 3.10 -10.65
CA PHE A 258 -6.63 2.38 -10.91
C PHE A 258 -6.44 0.86 -10.80
N TYR A 259 -5.23 0.36 -11.01
CA TYR A 259 -4.95 -1.04 -10.68
C TYR A 259 -5.18 -1.36 -9.22
N LYS A 260 -5.14 -0.36 -8.33
CA LYS A 260 -5.17 -0.58 -6.89
C LYS A 260 -6.27 0.24 -6.24
N TYR A 261 -7.36 -0.44 -5.87
CA TYR A 261 -8.34 0.13 -4.96
C TYR A 261 -7.91 -0.17 -3.53
N VAL A 262 -6.60 -0.36 -3.33
CA VAL A 262 -6.05 -0.85 -2.07
C VAL A 262 -6.39 0.10 -0.94
N TYR A 263 -6.22 -0.39 0.28
CA TYR A 263 -6.73 0.29 1.46
C TYR A 263 -5.83 1.48 1.78
N LYS A 264 -6.44 2.68 1.82
CA LYS A 264 -5.66 3.93 1.98
C LYS A 264 -5.67 4.42 3.44
N ARG A 265 -4.68 4.00 4.22
CA ARG A 265 -4.57 4.44 5.61
C ARG A 265 -4.25 5.93 5.68
N TYR A 266 -4.72 6.56 6.75
CA TYR A 266 -4.61 7.99 6.95
C TYR A 266 -3.79 8.28 8.19
N ARG A 267 -2.99 9.35 8.13
CA ARG A 267 -2.13 9.72 9.23
C ARG A 267 -2.02 11.23 9.31
N ALA A 268 -1.54 11.71 10.44
CA ALA A 268 -1.51 13.14 10.74
C ALA A 268 -0.16 13.72 10.34
N GLY A 269 -0.17 14.61 9.34
CA GLY A 269 1.03 15.35 9.01
C GLY A 269 1.41 16.32 10.10
N LYS A 270 2.68 16.72 10.11
CA LYS A 270 3.17 17.65 11.11
C LYS A 270 2.86 19.11 10.78
N GLN A 271 2.19 19.37 9.65
CA GLN A 271 1.80 20.73 9.29
C GLN A 271 0.56 21.10 10.08
N ARG A 272 -0.07 22.21 9.68
CA ARG A 272 -1.24 22.71 10.44
C ARG A 272 -2.34 21.66 10.43
N GLY A 273 -2.94 21.44 9.26
CA GLY A 273 -4.07 20.53 9.17
C GLY A 273 -3.95 19.53 8.04
N MET A 274 -2.73 19.11 7.72
CA MET A 274 -2.52 18.16 6.64
C MET A 274 -2.84 16.74 7.11
N ILE A 275 -3.49 15.97 6.24
CA ILE A 275 -3.69 14.55 6.44
C ILE A 275 -3.03 13.82 5.28
N ILE A 276 -2.25 12.80 5.59
CA ILE A 276 -1.48 12.07 4.59
C ILE A 276 -2.09 10.68 4.41
N GLU A 277 -2.44 10.35 3.17
CA GLU A 277 -2.94 9.03 2.83
C GLU A 277 -1.81 8.19 2.26
N HIS A 278 -1.90 6.88 2.48
CA HIS A 278 -0.85 5.98 2.02
C HIS A 278 -1.41 4.56 1.95
N GLU A 279 -0.58 3.64 1.49
CA GLU A 279 -1.00 2.28 1.23
C GLU A 279 -0.90 1.43 2.49
N GLY A 280 -1.90 0.58 2.69
CA GLY A 280 -1.87 -0.38 3.78
C GLY A 280 -2.64 -1.62 3.39
N ASP A 281 -2.55 -2.65 4.23
CA ASP A 281 -3.33 -3.84 3.97
C ASP A 281 -4.81 -3.59 4.30
N ARG A 282 -5.62 -4.63 4.13
CA ARG A 282 -7.07 -4.44 4.27
C ARG A 282 -7.49 -4.10 5.69
N PRO A 283 -7.19 -4.92 6.71
CA PRO A 283 -7.66 -4.52 8.04
C PRO A 283 -6.88 -3.34 8.61
N PRO A 405 -42.98 -64.74 25.97
CA PRO A 405 -41.98 -65.74 25.58
C PRO A 405 -42.24 -66.30 24.18
N VAL A 406 -42.60 -65.42 23.24
CA VAL A 406 -42.84 -65.80 21.85
C VAL A 406 -41.96 -64.93 20.97
N SER A 407 -41.20 -65.57 20.08
CA SER A 407 -40.26 -64.85 19.20
C SER A 407 -41.05 -64.15 18.11
N LYS A 408 -41.66 -63.03 18.49
CA LYS A 408 -42.37 -62.20 17.52
C LYS A 408 -41.38 -61.54 16.57
N ILE A 409 -41.69 -61.59 15.27
CA ILE A 409 -40.81 -61.07 14.23
C ILE A 409 -41.52 -59.91 13.56
N PHE A 410 -40.87 -58.75 13.54
CA PHE A 410 -41.52 -57.55 13.02
C PHE A 410 -40.47 -56.49 12.75
N PHE A 411 -40.86 -55.49 11.94
CA PHE A 411 -39.98 -54.34 11.72
C PHE A 411 -39.75 -53.60 13.03
N GLU A 412 -38.49 -53.20 13.25
CA GLU A 412 -38.20 -52.36 14.40
C GLU A 412 -38.93 -51.02 14.31
N GLN A 413 -38.91 -50.40 13.14
CA GLN A 413 -39.68 -49.20 12.85
C GLN A 413 -40.62 -49.47 11.69
N GLY A 414 -41.90 -49.16 11.87
CA GLY A 414 -42.88 -49.44 10.83
C GLY A 414 -42.91 -48.44 9.70
N THR A 415 -42.05 -47.41 9.74
CA THR A 415 -41.97 -46.40 8.70
C THR A 415 -40.50 -46.07 8.46
N TYR A 416 -40.12 -45.97 7.20
CA TYR A 416 -38.74 -45.71 6.82
C TYR A 416 -38.66 -44.42 6.02
N GLN A 417 -37.66 -43.60 6.33
CA GLN A 417 -37.40 -42.35 5.64
C GLN A 417 -36.03 -42.40 4.99
N CYS A 418 -35.96 -42.00 3.73
CA CYS A 418 -34.68 -41.98 3.02
C CYS A 418 -34.81 -41.06 1.81
N LEU A 419 -33.66 -40.78 1.20
CA LEU A 419 -33.59 -39.88 0.07
C LEU A 419 -33.54 -40.66 -1.25
N GLU A 420 -33.95 -39.99 -2.32
CA GLU A 420 -34.00 -40.62 -3.64
C GLU A 420 -32.62 -41.00 -4.15
N ASN A 421 -31.62 -40.16 -3.91
CA ASN A 421 -30.27 -40.38 -4.41
C ASN A 421 -29.61 -41.65 -3.87
N CYS A 422 -30.11 -42.19 -2.75
CA CYS A 422 -29.49 -43.38 -2.18
C CYS A 422 -29.53 -44.55 -3.14
N GLY A 423 -30.67 -44.76 -3.80
CA GLY A 423 -30.86 -45.92 -4.63
C GLY A 423 -31.30 -47.12 -3.81
N THR A 424 -30.38 -47.72 -3.07
CA THR A 424 -30.70 -48.84 -2.20
C THR A 424 -30.90 -48.36 -0.77
N VAL A 425 -31.92 -48.90 -0.12
CA VAL A 425 -32.24 -48.58 1.27
C VAL A 425 -32.39 -49.88 2.03
N ALA A 426 -32.15 -49.81 3.34
CA ALA A 426 -32.12 -50.99 4.19
C ALA A 426 -33.28 -50.97 5.17
N LEU A 427 -33.81 -52.16 5.46
CA LEU A 427 -34.86 -52.35 6.43
C LEU A 427 -34.43 -53.44 7.42
N THR A 428 -34.69 -53.18 8.70
CA THR A 428 -34.29 -54.08 9.78
C THR A 428 -35.53 -54.75 10.36
N ILE A 429 -35.48 -56.07 10.49
CA ILE A 429 -36.58 -56.86 11.03
C ILE A 429 -36.06 -57.64 12.22
N ILE A 430 -36.63 -57.39 13.39
CA ILE A 430 -36.16 -57.95 14.65
C ILE A 430 -37.10 -59.07 15.09
N ARG A 431 -36.51 -60.16 15.58
CA ARG A 431 -37.23 -61.18 16.32
C ARG A 431 -36.92 -60.99 17.80
N ARG A 432 -37.96 -60.99 18.63
CA ARG A 432 -37.80 -60.79 20.07
C ARG A 432 -38.56 -61.87 20.84
N GLY A 433 -37.98 -62.28 21.96
CA GLY A 433 -38.60 -63.26 22.83
C GLY A 433 -38.47 -64.67 22.30
N GLY A 434 -39.17 -65.58 22.98
CA GLY A 434 -39.25 -66.97 22.56
C GLY A 434 -37.89 -67.66 22.58
N ASP A 435 -37.75 -68.63 21.68
CA ASP A 435 -36.50 -69.37 21.52
C ASP A 435 -35.74 -68.83 20.32
N LEU A 436 -34.57 -68.24 20.56
CA LEU A 436 -33.77 -67.66 19.49
C LEU A 436 -33.02 -68.71 18.67
N THR A 437 -32.87 -69.93 19.21
CA THR A 437 -32.09 -70.97 18.54
C THR A 437 -32.77 -71.53 17.30
N ASN A 438 -34.02 -71.19 17.04
CA ASN A 438 -34.74 -71.74 15.90
C ASN A 438 -34.42 -70.95 14.63
N THR A 439 -34.03 -71.66 13.58
CA THR A 439 -33.85 -71.06 12.27
C THR A 439 -35.21 -70.74 11.68
N VAL A 440 -35.40 -69.49 11.25
CA VAL A 440 -36.70 -69.01 10.79
C VAL A 440 -36.59 -68.60 9.33
N PHE A 441 -37.63 -68.93 8.55
CA PHE A 441 -37.73 -68.50 7.16
C PHE A 441 -39.03 -67.72 7.00
N VAL A 442 -38.93 -66.46 6.63
CA VAL A 442 -40.09 -65.57 6.53
C VAL A 442 -40.12 -64.94 5.15
N ASP A 443 -41.27 -65.01 4.49
CA ASP A 443 -41.44 -64.40 3.18
C ASP A 443 -41.64 -62.90 3.33
N PHE A 444 -40.94 -62.13 2.49
CA PHE A 444 -41.11 -60.69 2.43
C PHE A 444 -41.38 -60.29 0.99
N ARG A 445 -42.17 -59.23 0.82
CA ARG A 445 -42.53 -58.78 -0.52
C ARG A 445 -42.99 -57.33 -0.47
N THR A 446 -42.61 -56.55 -1.47
CA THR A 446 -42.94 -55.14 -1.53
C THR A 446 -44.21 -54.93 -2.36
N GLU A 447 -44.85 -53.80 -2.12
CA GLU A 447 -46.07 -53.43 -2.82
C GLU A 447 -46.17 -51.92 -2.90
N ASP A 448 -46.74 -51.44 -4.01
CA ASP A 448 -46.86 -50.01 -4.24
C ASP A 448 -47.82 -49.38 -3.23
N GLY A 449 -47.39 -48.29 -2.61
CA GLY A 449 -48.29 -47.45 -1.85
C GLY A 449 -48.68 -46.28 -2.72
N THR A 450 -48.08 -45.12 -2.49
CA THR A 450 -48.11 -44.06 -3.48
C THR A 450 -47.01 -44.21 -4.51
N ALA A 451 -46.12 -45.20 -4.33
CA ALA A 451 -44.99 -45.38 -5.22
C ALA A 451 -45.39 -46.14 -6.48
N ASN A 452 -44.50 -46.12 -7.46
CA ASN A 452 -44.72 -46.76 -8.76
C ASN A 452 -43.48 -47.53 -9.14
N ALA A 453 -43.60 -48.85 -9.29
CA ALA A 453 -42.47 -49.67 -9.66
C ALA A 453 -42.01 -49.36 -11.08
N GLY A 454 -40.69 -49.37 -11.27
CA GLY A 454 -40.11 -49.10 -12.57
C GLY A 454 -39.91 -47.64 -12.89
N SER A 455 -40.38 -46.73 -12.04
CA SER A 455 -40.19 -45.30 -12.26
C SER A 455 -39.67 -44.62 -11.00
N ASP A 456 -39.98 -45.21 -9.85
CA ASP A 456 -39.61 -44.66 -8.55
C ASP A 456 -38.85 -45.64 -7.68
N TYR A 457 -39.18 -46.93 -7.76
CA TYR A 457 -38.49 -47.95 -7.00
C TYR A 457 -38.69 -49.28 -7.72
N GLU A 458 -38.06 -50.32 -7.20
CA GLU A 458 -38.15 -51.65 -7.77
C GLU A 458 -38.85 -52.59 -6.79
N PHE A 459 -39.83 -53.33 -7.30
CA PHE A 459 -40.52 -54.31 -6.48
C PHE A 459 -39.54 -55.39 -6.02
N THR A 460 -39.59 -55.73 -4.73
CA THR A 460 -38.67 -56.68 -4.15
C THR A 460 -39.43 -57.75 -3.38
N GLU A 461 -38.98 -58.99 -3.50
CA GLU A 461 -39.57 -60.10 -2.79
C GLU A 461 -38.52 -61.17 -2.57
N GLY A 462 -38.76 -62.03 -1.60
CA GLY A 462 -37.83 -63.11 -1.29
C GLY A 462 -38.10 -63.69 0.09
N THR A 463 -37.10 -64.39 0.60
CA THR A 463 -37.17 -65.03 1.90
C THR A 463 -36.01 -64.58 2.78
N VAL A 464 -36.32 -64.24 4.02
CA VAL A 464 -35.34 -63.84 5.01
C VAL A 464 -35.14 -65.00 5.98
N VAL A 465 -33.89 -65.34 6.25
CA VAL A 465 -33.53 -66.49 7.07
C VAL A 465 -32.83 -65.99 8.33
N PHE A 466 -33.28 -66.47 9.47
CA PHE A 466 -32.70 -66.16 10.77
C PHE A 466 -31.99 -67.39 11.30
N LYS A 467 -30.68 -67.27 11.52
CA LYS A 467 -29.87 -68.36 12.02
C LYS A 467 -30.18 -68.63 13.49
N PRO A 468 -29.79 -69.81 14.01
CA PRO A 468 -29.95 -70.06 15.45
C PRO A 468 -29.27 -69.00 16.30
N GLY A 469 -30.08 -68.25 17.06
CA GLY A 469 -29.56 -67.23 17.96
C GLY A 469 -29.63 -65.81 17.44
N ASP A 470 -30.13 -65.59 16.22
CA ASP A 470 -30.22 -64.23 15.71
C ASP A 470 -31.28 -63.42 16.45
N THR A 471 -31.15 -62.11 16.40
CA THR A 471 -32.15 -61.19 16.91
C THR A 471 -32.79 -60.34 15.82
N GLN A 472 -32.05 -60.00 14.78
CA GLN A 472 -32.58 -59.18 13.70
C GLN A 472 -31.83 -59.47 12.40
N LYS A 473 -32.44 -59.05 11.30
CA LYS A 473 -31.86 -59.22 9.97
C LYS A 473 -32.12 -57.96 9.16
N GLU A 474 -31.38 -57.84 8.05
CA GLU A 474 -31.45 -56.66 7.18
C GLU A 474 -31.79 -57.08 5.77
N ILE A 475 -32.67 -56.32 5.13
CA ILE A 475 -33.01 -56.49 3.72
C ILE A 475 -32.80 -55.16 3.03
N ARG A 476 -32.74 -55.20 1.70
CA ARG A 476 -32.47 -54.00 0.92
C ARG A 476 -33.42 -53.91 -0.26
N VAL A 477 -33.86 -52.69 -0.55
CA VAL A 477 -34.80 -52.42 -1.64
C VAL A 477 -34.29 -51.21 -2.43
N GLY A 478 -34.37 -51.31 -3.76
CA GLY A 478 -33.86 -50.24 -4.61
C GLY A 478 -34.90 -49.15 -4.86
N ILE A 479 -34.43 -47.90 -4.89
CA ILE A 479 -35.27 -46.73 -5.13
C ILE A 479 -34.70 -46.01 -6.36
N ILE A 480 -35.56 -45.74 -7.33
CA ILE A 480 -35.15 -45.12 -8.58
C ILE A 480 -35.17 -43.60 -8.42
N ASP A 481 -34.07 -42.95 -8.78
CA ASP A 481 -33.96 -41.50 -8.77
C ASP A 481 -33.88 -40.99 -10.21
N ASP A 482 -34.43 -39.80 -10.43
CA ASP A 482 -34.46 -39.20 -11.75
C ASP A 482 -34.26 -37.69 -11.59
N ASP A 483 -34.57 -36.94 -12.64
CA ASP A 483 -34.59 -35.48 -12.57
C ASP A 483 -36.00 -34.92 -12.44
N ILE A 484 -37.00 -35.79 -12.26
CA ILE A 484 -38.38 -35.36 -12.08
C ILE A 484 -38.62 -35.11 -10.60
N PHE A 485 -38.90 -33.87 -10.23
CA PHE A 485 -39.18 -33.55 -8.84
C PHE A 485 -40.60 -34.00 -8.50
N GLU A 486 -40.72 -35.25 -8.07
CA GLU A 486 -42.01 -35.82 -7.69
C GLU A 486 -42.39 -35.36 -6.28
N GLU A 487 -43.64 -35.59 -5.93
CA GLU A 487 -44.11 -35.29 -4.59
C GLU A 487 -43.66 -36.38 -3.62
N ASP A 488 -43.94 -36.16 -2.34
CA ASP A 488 -43.60 -37.16 -1.34
C ASP A 488 -44.35 -38.45 -1.61
N GLU A 489 -43.69 -39.58 -1.37
CA GLU A 489 -44.17 -40.85 -1.91
C GLU A 489 -43.75 -41.98 -0.99
N ASN A 490 -44.48 -43.09 -1.05
CA ASN A 490 -44.22 -44.21 -0.15
C ASN A 490 -44.74 -45.51 -0.75
N PHE A 491 -44.22 -46.62 -0.21
CA PHE A 491 -44.66 -47.95 -0.58
C PHE A 491 -44.45 -48.88 0.61
N LEU A 492 -45.20 -49.99 0.63
CA LEU A 492 -45.29 -50.82 1.82
C LEU A 492 -44.68 -52.19 1.58
N VAL A 493 -43.81 -52.61 2.50
CA VAL A 493 -43.20 -53.94 2.48
C VAL A 493 -43.90 -54.79 3.53
N HIS A 494 -44.26 -56.02 3.15
CA HIS A 494 -45.07 -56.90 3.98
C HIS A 494 -44.37 -58.23 4.19
N LEU A 495 -44.67 -58.86 5.32
CA LEU A 495 -44.09 -60.13 5.72
C LEU A 495 -45.19 -61.16 5.93
N SER A 496 -44.83 -62.43 5.76
CA SER A 496 -45.77 -63.53 5.93
C SER A 496 -44.99 -64.84 6.06
N ASN A 497 -45.74 -65.92 6.30
CA ASN A 497 -45.20 -67.28 6.28
C ASN A 497 -44.04 -67.46 7.25
N VAL A 498 -44.35 -67.29 8.54
CA VAL A 498 -43.38 -67.56 9.59
C VAL A 498 -43.30 -69.07 9.83
N LYS A 499 -42.09 -69.61 9.81
CA LYS A 499 -41.88 -71.03 10.01
C LYS A 499 -40.78 -71.25 11.05
N VAL A 500 -41.04 -72.14 12.00
CA VAL A 500 -40.09 -72.46 13.06
C VAL A 500 -39.44 -73.78 12.68
N SER A 501 -38.27 -73.71 12.05
CA SER A 501 -37.55 -74.89 11.62
C SER A 501 -36.06 -74.76 11.88
N LEU A 518 -43.74 -70.46 20.62
CA LEU A 518 -42.31 -70.18 20.70
C LEU A 518 -41.94 -69.00 19.79
N ALA A 519 -42.54 -68.96 18.60
CA ALA A 519 -42.28 -67.88 17.65
C ALA A 519 -43.53 -67.64 16.82
N CYS A 520 -43.64 -66.41 16.31
CA CYS A 520 -44.75 -66.04 15.44
C CYS A 520 -44.38 -64.75 14.73
N LEU A 521 -45.16 -64.43 13.70
CA LEU A 521 -45.01 -63.16 13.00
C LEU A 521 -45.55 -62.04 13.88
N GLY A 522 -44.67 -61.13 14.30
CA GLY A 522 -45.06 -60.09 15.22
C GLY A 522 -45.98 -59.06 14.57
N SER A 523 -46.58 -58.25 15.45
CA SER A 523 -47.48 -57.20 15.00
C SER A 523 -46.71 -56.12 14.23
N PRO A 524 -47.44 -55.41 13.38
CA PRO A 524 -46.86 -54.39 12.51
C PRO A 524 -45.77 -54.99 11.62
N SER A 525 -46.11 -56.08 10.94
CA SER A 525 -45.20 -56.76 10.02
C SER A 525 -45.15 -56.08 8.65
N THR A 526 -45.62 -54.83 8.56
CA THR A 526 -45.57 -54.07 7.33
C THR A 526 -44.87 -52.74 7.60
N ALA A 527 -43.89 -52.40 6.78
CA ALA A 527 -43.14 -51.16 6.89
C ALA A 527 -43.52 -50.25 5.72
N THR A 528 -44.00 -49.06 6.05
CA THR A 528 -44.39 -48.08 5.03
C THR A 528 -43.20 -47.18 4.75
N VAL A 529 -42.32 -47.64 3.87
CA VAL A 529 -41.12 -46.89 3.52
C VAL A 529 -41.55 -45.66 2.72
N THR A 530 -41.23 -44.48 3.24
CA THR A 530 -41.62 -43.22 2.63
C THR A 530 -40.37 -42.51 2.10
N ILE A 531 -40.54 -41.80 0.99
CA ILE A 531 -39.43 -41.29 0.21
C ILE A 531 -39.58 -39.79 0.02
N PHE A 532 -38.46 -39.10 -0.18
CA PHE A 532 -38.42 -37.66 -0.44
C PHE A 532 -37.78 -37.44 -1.81
N ASP A 533 -38.53 -36.84 -2.72
CA ASP A 533 -37.96 -36.44 -4.01
C ASP A 533 -37.41 -35.03 -3.93
N ASP A 534 -36.26 -34.81 -4.57
CA ASP A 534 -35.56 -33.52 -4.47
C ASP A 534 -34.98 -33.11 -5.81
N ASP A 535 -35.69 -33.36 -6.90
CA ASP A 535 -35.12 -33.21 -8.24
C ASP A 535 -35.50 -31.85 -8.83
N HIS A 536 -35.04 -30.80 -8.15
CA HIS A 536 -35.26 -29.43 -8.62
C HIS A 536 -34.33 -28.51 -7.82
N ALA A 537 -34.50 -27.21 -8.00
CA ALA A 537 -33.72 -26.20 -7.28
C ALA A 537 -34.56 -25.42 -6.28
N GLY A 538 -35.65 -24.81 -6.73
CA GLY A 538 -36.63 -24.24 -5.81
C GLY A 538 -36.36 -22.83 -5.32
N ILE A 539 -36.21 -22.69 -4.01
CA ILE A 539 -36.22 -21.38 -3.37
C ILE A 539 -34.89 -20.67 -3.64
N PHE A 540 -35.00 -19.41 -4.09
CA PHE A 540 -33.79 -18.59 -4.35
C PHE A 540 -33.95 -17.27 -3.59
N THR A 541 -33.20 -17.10 -2.51
CA THR A 541 -33.37 -15.89 -1.67
C THR A 541 -32.01 -15.24 -1.39
N PHE A 542 -31.99 -13.92 -1.16
CA PHE A 542 -30.75 -13.19 -0.84
C PHE A 542 -30.38 -13.43 0.61
N GLU A 543 -29.25 -12.90 1.04
CA GLU A 543 -28.79 -13.20 2.40
C GLU A 543 -29.75 -12.49 3.36
N GLU A 544 -29.80 -11.17 3.28
CA GLU A 544 -30.69 -10.37 4.15
C GLU A 544 -31.24 -9.28 3.23
N PRO A 545 -32.34 -8.58 3.56
CA PRO A 545 -32.77 -7.54 2.65
C PRO A 545 -31.98 -6.24 2.86
N VAL A 546 -31.17 -6.13 3.93
CA VAL A 546 -30.48 -4.84 4.21
C VAL A 546 -29.10 -5.06 4.82
N THR A 547 -28.07 -4.39 4.29
CA THR A 547 -26.70 -4.51 4.88
C THR A 547 -26.02 -3.14 4.92
N HIS A 548 -25.02 -2.94 5.78
CA HIS A 548 -24.27 -1.70 5.94
C HIS A 548 -22.82 -1.95 5.56
N VAL A 549 -22.37 -1.28 4.50
CA VAL A 549 -21.04 -1.46 3.96
C VAL A 549 -20.35 -0.11 3.84
N SER A 550 -19.10 -0.03 4.30
CA SER A 550 -18.32 1.18 4.14
C SER A 550 -17.92 1.36 2.68
N GLU A 551 -17.68 2.62 2.30
CA GLU A 551 -17.17 2.89 0.97
C GLU A 551 -15.74 2.41 0.78
N SER A 552 -15.03 2.10 1.87
CA SER A 552 -13.63 1.72 1.78
C SER A 552 -13.42 0.43 1.00
N ILE A 553 -14.34 -0.53 1.14
CA ILE A 553 -14.20 -1.81 0.45
C ILE A 553 -14.06 -1.59 -1.05
N GLY A 554 -14.89 -0.73 -1.63
CA GLY A 554 -14.75 -0.40 -3.03
C GLY A 554 -15.38 -1.42 -3.95
N ILE A 555 -15.20 -2.70 -3.65
CA ILE A 555 -15.76 -3.79 -4.44
C ILE A 555 -16.49 -4.72 -3.48
N MET A 556 -17.79 -4.53 -3.35
CA MET A 556 -18.58 -5.25 -2.37
C MET A 556 -19.20 -6.49 -3.01
N GLU A 557 -19.10 -7.62 -2.30
CA GLU A 557 -19.25 -8.97 -2.83
C GLU A 557 -20.27 -9.70 -1.95
N VAL A 558 -21.54 -9.71 -2.35
CA VAL A 558 -22.57 -10.35 -1.53
C VAL A 558 -23.25 -11.45 -2.32
N LYS A 559 -23.85 -12.39 -1.58
CA LYS A 559 -24.19 -13.70 -2.10
C LYS A 559 -25.69 -13.88 -2.24
N VAL A 560 -26.08 -15.05 -2.72
CA VAL A 560 -27.44 -15.52 -2.79
C VAL A 560 -27.47 -16.89 -2.11
N LEU A 561 -28.65 -17.51 -2.06
CA LEU A 561 -28.75 -18.81 -1.40
C LEU A 561 -29.92 -19.57 -1.99
N ARG A 562 -29.72 -20.87 -2.17
CA ARG A 562 -30.69 -21.79 -2.74
C ARG A 562 -31.18 -22.76 -1.67
N THR A 563 -32.45 -23.14 -1.78
CA THR A 563 -33.08 -24.00 -0.79
C THR A 563 -34.00 -24.97 -1.51
N SER A 564 -34.14 -26.18 -0.93
CA SER A 564 -34.94 -27.27 -1.48
C SER A 564 -34.40 -27.75 -2.82
N GLY A 565 -33.17 -28.24 -2.78
CA GLY A 565 -32.53 -28.83 -3.95
C GLY A 565 -31.77 -27.82 -4.78
N ALA A 566 -31.01 -28.35 -5.74
CA ALA A 566 -30.23 -27.50 -6.63
C ALA A 566 -30.22 -28.00 -8.08
N ARG A 567 -30.95 -29.06 -8.40
CA ARG A 567 -30.93 -29.62 -9.74
C ARG A 567 -31.69 -28.73 -10.70
N GLY A 568 -31.24 -28.73 -11.95
CA GLY A 568 -31.74 -27.82 -12.97
C GLY A 568 -30.88 -26.57 -13.08
N ASN A 569 -31.06 -25.86 -14.19
CA ASN A 569 -30.27 -24.66 -14.45
C ASN A 569 -31.17 -23.44 -14.41
N VAL A 570 -30.63 -22.30 -13.96
CA VAL A 570 -31.44 -21.09 -13.87
C VAL A 570 -30.64 -19.88 -14.33
N ILE A 571 -31.37 -18.80 -14.61
CA ILE A 571 -30.78 -17.56 -15.12
C ILE A 571 -31.39 -16.39 -14.35
N VAL A 572 -30.70 -15.93 -13.31
CA VAL A 572 -31.29 -15.04 -12.30
C VAL A 572 -30.93 -13.60 -12.64
N PRO A 573 -31.91 -12.72 -12.89
CA PRO A 573 -31.59 -11.30 -13.10
C PRO A 573 -31.35 -10.61 -11.77
N TYR A 574 -30.41 -9.68 -11.75
CA TYR A 574 -30.14 -8.85 -10.58
C TYR A 574 -30.15 -7.38 -10.97
N LYS A 575 -30.94 -6.59 -10.27
CA LYS A 575 -31.14 -5.18 -10.59
C LYS A 575 -30.71 -4.31 -9.42
N THR A 576 -30.02 -3.21 -9.74
CA THR A 576 -29.66 -2.21 -8.76
C THR A 576 -30.56 -0.99 -8.95
N ILE A 577 -31.23 -0.58 -7.87
CA ILE A 577 -32.14 0.56 -7.91
C ILE A 577 -31.68 1.58 -6.88
N GLU A 578 -31.68 2.85 -7.29
CA GLU A 578 -31.08 3.92 -6.51
C GLU A 578 -31.85 4.17 -5.21
N GLY A 579 -31.19 4.85 -4.28
CA GLY A 579 -31.75 5.03 -2.95
C GLY A 579 -31.54 6.40 -2.34
N THR A 580 -31.04 6.44 -1.10
CA THR A 580 -30.88 7.71 -0.39
C THR A 580 -29.96 8.65 -1.15
N ALA A 581 -28.76 8.18 -1.49
CA ALA A 581 -27.92 8.94 -2.40
C ALA A 581 -28.34 8.66 -3.84
N ARG A 582 -27.68 9.27 -4.80
CA ARG A 582 -28.01 9.07 -6.20
C ARG A 582 -26.92 8.20 -6.81
N GLY A 583 -27.30 7.08 -7.42
CA GLY A 583 -26.34 6.15 -7.95
C GLY A 583 -25.93 6.47 -9.37
N GLY A 584 -26.23 5.57 -10.30
CA GLY A 584 -25.79 5.73 -11.67
C GLY A 584 -24.29 5.81 -11.80
N GLY A 585 -23.57 5.05 -11.00
CA GLY A 585 -22.12 5.08 -11.05
C GLY A 585 -21.53 6.41 -10.65
N GLU A 586 -22.11 7.06 -9.66
CA GLU A 586 -21.61 8.33 -9.14
C GLU A 586 -21.10 8.21 -7.72
N ASP A 587 -21.96 7.78 -6.79
CA ASP A 587 -21.56 7.49 -5.42
C ASP A 587 -21.17 6.04 -5.23
N PHE A 588 -21.88 5.14 -5.91
CA PHE A 588 -21.47 3.75 -6.07
C PHE A 588 -21.72 3.36 -7.51
N GLU A 589 -20.87 2.48 -8.04
CA GLU A 589 -21.07 2.02 -9.41
C GLU A 589 -22.40 1.29 -9.49
N ASP A 590 -23.38 1.90 -10.14
CA ASP A 590 -24.72 1.34 -10.27
C ASP A 590 -24.84 0.70 -11.65
N THR A 591 -24.78 -0.62 -11.69
CA THR A 591 -25.05 -1.39 -12.89
C THR A 591 -25.92 -2.59 -12.53
N CYS A 592 -26.62 -3.10 -13.53
CA CYS A 592 -27.56 -4.20 -13.32
C CYS A 592 -27.25 -5.29 -14.34
N GLY A 593 -28.10 -6.30 -14.38
CA GLY A 593 -27.91 -7.34 -15.38
C GLY A 593 -28.42 -8.70 -14.96
N GLU A 594 -27.65 -9.74 -15.24
CA GLU A 594 -28.16 -11.10 -15.23
C GLU A 594 -27.01 -12.07 -15.02
N LEU A 595 -27.21 -13.06 -14.14
CA LEU A 595 -26.17 -14.05 -13.89
C LEU A 595 -26.78 -15.44 -13.92
N GLU A 596 -26.17 -16.35 -14.69
CA GLU A 596 -26.68 -17.70 -14.82
C GLU A 596 -26.15 -18.55 -13.67
N PHE A 597 -27.05 -19.31 -13.04
CA PHE A 597 -26.68 -20.25 -12.00
C PHE A 597 -26.71 -21.65 -12.60
N GLN A 598 -25.55 -22.28 -12.67
CA GLN A 598 -25.40 -23.60 -13.28
C GLN A 598 -26.06 -24.66 -12.41
N ASN A 599 -26.28 -25.82 -13.02
CA ASN A 599 -26.92 -26.93 -12.33
C ASN A 599 -26.14 -27.32 -11.08
N ASP A 600 -26.85 -27.51 -9.97
CA ASP A 600 -26.28 -27.97 -8.70
C ASP A 600 -25.16 -27.05 -8.22
N GLU A 601 -25.47 -25.76 -8.12
CA GLU A 601 -24.54 -24.77 -7.56
C GLU A 601 -25.29 -23.97 -6.50
N ILE A 602 -25.09 -24.33 -5.23
CA ILE A 602 -25.92 -23.80 -4.16
C ILE A 602 -25.70 -22.31 -3.96
N VAL A 603 -24.45 -21.86 -3.99
CA VAL A 603 -24.10 -20.50 -3.57
C VAL A 603 -23.42 -19.78 -4.73
N LYS A 604 -23.88 -18.57 -5.01
CA LYS A 604 -23.29 -17.68 -6.01
C LYS A 604 -23.24 -16.28 -5.44
N ILE A 605 -22.17 -15.55 -5.77
CA ILE A 605 -21.89 -14.26 -5.16
C ILE A 605 -21.76 -13.22 -6.27
N ILE A 606 -22.58 -12.19 -6.21
CA ILE A 606 -22.55 -11.08 -7.16
C ILE A 606 -21.80 -9.91 -6.53
N THR A 607 -21.01 -9.22 -7.35
CA THR A 607 -20.21 -8.09 -6.92
C THR A 607 -20.80 -6.77 -7.41
N ILE A 608 -20.23 -5.68 -6.90
CA ILE A 608 -20.49 -4.35 -7.42
C ILE A 608 -19.37 -3.44 -6.95
N ARG A 609 -19.13 -2.37 -7.69
CA ARG A 609 -18.03 -1.45 -7.39
C ARG A 609 -18.56 -0.24 -6.65
N ILE A 610 -17.72 0.31 -5.77
CA ILE A 610 -18.10 1.43 -4.90
C ILE A 610 -17.00 2.47 -4.92
N PHE A 611 -17.40 3.73 -4.98
CA PHE A 611 -16.46 4.85 -5.01
C PHE A 611 -15.80 5.07 -3.66
N ASP A 612 -14.55 5.53 -3.70
CA ASP A 612 -13.91 6.16 -2.56
C ASP A 612 -14.01 7.68 -2.75
N ARG A 613 -15.19 8.20 -2.42
CA ARG A 613 -15.43 9.63 -2.58
C ARG A 613 -14.45 10.51 -1.81
N GLU A 614 -13.72 9.94 -0.86
CA GLU A 614 -12.63 10.64 -0.17
C GLU A 614 -13.18 11.89 0.53
N GLU A 615 -14.07 11.65 1.49
CA GLU A 615 -14.73 12.73 2.22
C GLU A 615 -15.45 12.15 3.42
N TYR A 616 -15.50 12.93 4.50
CA TYR A 616 -16.20 12.50 5.70
C TYR A 616 -17.68 12.77 5.56
N GLU A 617 -18.49 11.72 5.69
CA GLU A 617 -19.93 11.81 5.47
C GLU A 617 -20.63 10.97 6.54
N LYS A 618 -21.91 10.71 6.29
CA LYS A 618 -22.76 9.81 7.06
C LYS A 618 -23.29 8.73 6.11
N GLU A 619 -24.22 7.93 6.61
CA GLU A 619 -24.74 6.80 5.86
C GLU A 619 -25.60 7.26 4.68
N CYS A 620 -25.81 6.35 3.74
CA CYS A 620 -26.78 6.49 2.66
C CYS A 620 -27.36 5.11 2.39
N SER A 621 -28.17 4.99 1.34
CA SER A 621 -28.81 3.71 1.05
C SER A 621 -28.97 3.51 -0.45
N PHE A 622 -29.09 2.23 -0.84
CA PHE A 622 -29.31 1.83 -2.22
C PHE A 622 -29.97 0.46 -2.21
N SER A 623 -30.51 0.04 -3.35
CA SER A 623 -31.29 -1.19 -3.39
C SER A 623 -30.82 -2.10 -4.53
N LEU A 624 -31.02 -3.41 -4.32
CA LEU A 624 -30.51 -4.49 -5.15
C LEU A 624 -31.61 -5.52 -5.43
N VAL A 625 -32.76 -5.05 -5.92
CA VAL A 625 -33.91 -5.92 -6.12
C VAL A 625 -33.59 -7.05 -7.11
N LEU A 626 -34.26 -8.19 -6.92
CA LEU A 626 -34.20 -9.33 -7.82
C LEU A 626 -35.57 -9.57 -8.47
N GLU A 627 -35.54 -10.08 -9.69
CA GLU A 627 -36.74 -10.45 -10.42
C GLU A 627 -36.64 -11.88 -10.91
N GLU A 628 -37.63 -12.30 -11.68
CA GLU A 628 -37.84 -13.72 -11.96
C GLU A 628 -36.71 -14.30 -12.81
N PRO A 629 -36.06 -15.37 -12.37
CA PRO A 629 -35.07 -16.05 -13.22
C PRO A 629 -35.75 -16.86 -14.32
N LYS A 630 -34.92 -17.37 -15.22
CA LYS A 630 -35.36 -18.20 -16.33
C LYS A 630 -34.91 -19.64 -16.08
N TRP A 631 -35.85 -20.57 -16.18
CA TRP A 631 -35.61 -21.96 -15.81
C TRP A 631 -35.17 -22.76 -17.04
N ILE A 632 -34.27 -23.72 -16.82
CA ILE A 632 -33.76 -24.58 -17.88
C ILE A 632 -33.75 -26.01 -17.35
N ARG A 633 -34.44 -26.90 -18.07
CA ARG A 633 -34.49 -28.33 -17.74
C ARG A 633 -34.25 -29.13 -19.01
N ARG A 634 -33.17 -29.89 -19.04
CA ARG A 634 -32.89 -30.87 -20.09
C ARG A 634 -32.72 -30.23 -21.47
N GLY A 635 -32.78 -28.90 -21.53
CA GLY A 635 -32.63 -28.20 -22.79
C GLY A 635 -33.89 -28.09 -23.62
N MET A 636 -35.00 -28.71 -23.21
CA MET A 636 -36.25 -28.63 -23.95
C MET A 636 -37.07 -27.53 -23.29
N LYS A 637 -37.19 -26.41 -24.00
CA LYS A 637 -37.93 -25.23 -23.54
C LYS A 637 -38.04 -24.17 -24.64
N SER A 654 -53.44 -40.84 -19.65
CA SER A 654 -53.30 -39.40 -19.83
C SER A 654 -52.97 -38.71 -18.52
N LYS A 655 -53.29 -39.37 -17.40
CA LYS A 655 -52.99 -38.81 -16.09
C LYS A 655 -51.49 -38.77 -15.81
N GLU A 656 -50.70 -39.54 -16.56
CA GLU A 656 -49.25 -39.52 -16.36
C GLU A 656 -48.67 -38.13 -16.66
N GLU A 657 -49.14 -37.49 -17.74
CA GLU A 657 -48.62 -36.16 -18.07
C GLU A 657 -49.11 -35.11 -17.07
N GLU A 658 -50.35 -35.23 -16.60
CA GLU A 658 -50.83 -34.25 -15.63
C GLU A 658 -50.09 -34.38 -14.31
N GLU A 659 -49.81 -35.61 -13.86
CA GLU A 659 -48.99 -35.76 -12.66
C GLU A 659 -47.55 -35.37 -12.92
N ARG A 660 -47.10 -35.49 -14.17
CA ARG A 660 -45.76 -35.00 -14.52
C ARG A 660 -45.69 -33.49 -14.37
N ARG A 661 -46.74 -32.78 -14.74
CA ARG A 661 -46.76 -31.32 -14.54
C ARG A 661 -46.94 -30.96 -13.06
N ILE A 662 -47.73 -31.76 -12.34
CA ILE A 662 -47.82 -31.59 -10.89
C ILE A 662 -46.47 -31.76 -10.24
N ALA A 663 -45.60 -32.60 -10.81
CA ALA A 663 -44.22 -32.68 -10.38
C ALA A 663 -43.41 -31.47 -10.88
N GLU A 664 -43.66 -31.04 -12.12
CA GLU A 664 -42.92 -29.95 -12.74
C GLU A 664 -43.10 -28.64 -12.01
N MET A 665 -44.18 -28.49 -11.23
CA MET A 665 -44.41 -27.23 -10.52
C MET A 665 -43.17 -26.78 -9.76
N GLY A 666 -42.35 -27.72 -9.28
CA GLY A 666 -41.08 -27.37 -8.69
C GLY A 666 -40.20 -26.68 -9.70
N ARG A 667 -39.98 -25.38 -9.51
CA ARG A 667 -39.23 -24.54 -10.43
C ARG A 667 -38.46 -23.52 -9.60
N PRO A 668 -37.69 -22.62 -10.21
CA PRO A 668 -37.10 -21.53 -9.42
C PRO A 668 -38.14 -20.53 -8.94
N ILE A 669 -38.48 -20.58 -7.66
CA ILE A 669 -39.34 -19.58 -7.03
C ILE A 669 -38.48 -18.73 -6.11
N LEU A 670 -38.65 -17.42 -6.19
CA LEU A 670 -37.93 -16.51 -5.31
C LEU A 670 -38.34 -16.74 -3.86
N GLY A 671 -37.36 -16.65 -2.97
CA GLY A 671 -37.62 -16.72 -1.55
C GLY A 671 -38.05 -15.38 -1.02
N GLU A 672 -37.95 -15.22 0.30
CA GLU A 672 -38.29 -13.97 0.95
C GLU A 672 -37.40 -12.84 0.47
N HIS A 673 -36.09 -13.00 0.65
CA HIS A 673 -35.14 -11.90 0.54
C HIS A 673 -34.80 -11.71 -0.93
N THR A 674 -35.46 -10.74 -1.58
CA THR A 674 -35.29 -10.53 -3.01
C THR A 674 -34.86 -9.11 -3.36
N LYS A 675 -34.54 -8.27 -2.38
CA LYS A 675 -34.09 -6.92 -2.66
C LYS A 675 -33.18 -6.47 -1.53
N LEU A 676 -31.93 -6.16 -1.87
CA LEU A 676 -30.92 -5.77 -0.89
C LEU A 676 -30.76 -4.26 -0.89
N GLU A 677 -31.20 -3.62 0.20
CA GLU A 677 -30.92 -2.20 0.41
C GLU A 677 -29.62 -2.10 1.21
N VAL A 678 -28.52 -1.99 0.47
CA VAL A 678 -27.22 -1.75 1.09
C VAL A 678 -27.20 -0.37 1.73
N ILE A 679 -26.48 -0.25 2.83
CA ILE A 679 -26.27 1.04 3.51
C ILE A 679 -24.83 1.45 3.27
N ILE A 680 -24.64 2.65 2.76
CA ILE A 680 -23.33 3.22 2.55
C ILE A 680 -22.87 3.84 3.86
N GLU A 681 -21.64 3.52 4.26
CA GLU A 681 -21.10 3.92 5.55
C GLU A 681 -19.88 4.81 5.36
N GLU A 682 -19.21 5.11 6.47
CA GLU A 682 -18.11 6.05 6.52
C GLU A 682 -16.80 5.31 6.72
N SER A 683 -15.78 5.73 5.97
CA SER A 683 -14.46 5.14 6.13
C SER A 683 -14.01 5.22 7.58
N TYR A 684 -13.51 4.11 8.11
CA TYR A 684 -13.26 4.02 9.54
C TYR A 684 -12.02 4.82 9.94
N GLU A 685 -10.89 4.50 9.33
CA GLU A 685 -9.65 5.20 9.67
C GLU A 685 -9.75 6.69 9.38
N PHE A 686 -10.44 7.07 8.31
CA PHE A 686 -10.59 8.48 7.99
C PHE A 686 -11.37 9.20 9.09
N LYS A 687 -12.48 8.60 9.52
CA LYS A 687 -13.25 9.14 10.63
C LYS A 687 -12.38 9.29 11.87
N SER A 688 -11.64 8.23 12.21
CA SER A 688 -10.80 8.28 13.40
C SER A 688 -9.75 9.38 13.30
N THR A 689 -9.10 9.49 12.15
CA THR A 689 -8.01 10.45 12.00
C THR A 689 -8.54 11.88 12.07
N VAL A 690 -9.64 12.17 11.38
CA VAL A 690 -10.19 13.52 11.43
C VAL A 690 -10.69 13.83 12.85
N ASP A 691 -11.25 12.84 13.54
CA ASP A 691 -11.65 13.07 14.92
C ASP A 691 -10.45 13.42 15.80
N LYS A 692 -9.35 12.67 15.64
CA LYS A 692 -8.14 12.97 16.39
C LYS A 692 -7.67 14.39 16.11
N LEU A 693 -7.60 14.75 14.83
CA LEU A 693 -7.08 16.07 14.47
C LEU A 693 -7.96 17.18 15.02
N ILE A 694 -9.28 17.04 14.91
CA ILE A 694 -10.18 18.07 15.41
C ILE A 694 -10.08 18.18 16.92
N LYS A 695 -9.97 17.04 17.62
CA LYS A 695 -9.76 17.09 19.06
C LYS A 695 -8.43 17.76 19.41
N LYS A 696 -7.44 17.63 18.54
CA LYS A 696 -6.12 18.20 18.81
C LYS A 696 -5.99 19.62 18.28
N THR A 697 -6.13 19.80 16.96
CA THR A 697 -5.86 21.09 16.34
C THR A 697 -7.02 21.55 15.46
N ASN A 698 -6.80 22.62 14.71
CA ASN A 698 -7.78 23.20 13.79
C ASN A 698 -9.08 23.56 14.53
N LEU A 699 -8.94 24.50 15.48
CA LEU A 699 -10.06 25.01 16.24
C LEU A 699 -9.99 26.54 16.29
N ALA A 700 -11.15 27.17 16.09
CA ALA A 700 -11.28 28.64 16.16
C ALA A 700 -10.35 29.32 15.14
N LEU A 701 -10.62 29.06 13.87
CA LEU A 701 -9.75 29.51 12.78
C LEU A 701 -10.48 30.54 11.93
N VAL A 702 -9.80 31.66 11.68
CA VAL A 702 -10.27 32.68 10.75
C VAL A 702 -9.06 33.51 10.34
N VAL A 703 -9.05 33.95 9.08
CA VAL A 703 -7.86 34.62 8.52
C VAL A 703 -8.04 36.11 8.78
N GLY A 704 -7.72 36.52 10.01
CA GLY A 704 -7.47 37.91 10.28
C GLY A 704 -5.99 38.17 10.41
N THR A 705 -5.33 37.35 11.24
CA THR A 705 -3.87 37.36 11.36
C THR A 705 -3.44 35.97 11.83
N ASN A 706 -3.04 35.13 10.88
CA ASN A 706 -2.74 33.75 11.23
C ASN A 706 -1.29 33.56 11.64
N SER A 707 -0.36 34.04 10.85
CA SER A 707 1.02 33.69 11.16
C SER A 707 1.95 34.88 11.33
N TRP A 708 1.84 35.90 10.48
CA TRP A 708 2.80 36.99 10.51
C TRP A 708 2.82 37.68 11.87
N ARG A 709 1.76 37.50 12.66
CA ARG A 709 1.77 37.91 14.05
C ARG A 709 2.04 36.74 14.99
N GLU A 710 1.82 35.51 14.53
CA GLU A 710 1.90 34.34 15.39
C GLU A 710 3.08 33.43 15.09
N GLN A 711 3.69 33.52 13.92
CA GLN A 711 4.98 32.87 13.72
C GLN A 711 6.05 33.48 14.60
N PHE A 712 5.80 34.64 15.18
CA PHE A 712 6.75 35.33 16.02
C PHE A 712 6.69 34.91 17.48
N ILE A 713 5.62 34.22 17.90
CA ILE A 713 5.43 33.91 19.32
C ILE A 713 6.32 32.78 19.79
N GLU A 714 6.98 32.07 18.87
CA GLU A 714 7.71 30.85 19.24
C GLU A 714 8.79 31.12 20.28
N ALA A 715 9.41 32.32 20.25
CA ALA A 715 10.41 32.66 21.26
C ALA A 715 9.82 32.56 22.66
N ILE A 716 8.79 33.36 22.94
CA ILE A 716 8.15 33.31 24.24
C ILE A 716 7.39 31.99 24.42
N THR A 717 6.75 31.50 23.36
CA THR A 717 5.96 30.27 23.47
C THR A 717 6.82 29.07 23.81
N VAL A 718 8.14 29.15 23.60
CA VAL A 718 9.03 28.03 23.87
C VAL A 718 10.04 28.31 24.96
N SER A 719 10.22 29.57 25.38
CA SER A 719 11.25 29.89 26.36
C SER A 719 10.75 30.86 27.43
N ALA A 720 9.53 30.68 27.91
CA ALA A 720 9.01 31.51 28.99
C ALA A 720 8.71 30.68 30.23
N SER A 736 13.05 19.86 30.24
CA SER A 736 12.81 21.26 30.60
C SER A 736 14.05 22.10 30.34
N CYS A 737 15.08 21.90 31.17
CA CYS A 737 16.33 22.63 31.01
C CYS A 737 17.02 22.28 29.69
N PHE A 738 16.76 21.08 29.17
CA PHE A 738 17.37 20.67 27.90
C PHE A 738 16.98 21.60 26.77
N ASP A 739 15.68 21.87 26.64
CA ASP A 739 15.18 22.67 25.52
C ASP A 739 15.84 24.04 25.46
N TYR A 740 16.28 24.56 26.60
CA TYR A 740 16.93 25.87 26.64
C TYR A 740 18.11 25.86 25.68
N VAL A 741 19.14 25.08 26.00
CA VAL A 741 20.30 25.01 25.13
C VAL A 741 19.96 24.35 23.80
N MET A 742 18.89 23.57 23.74
CA MET A 742 18.47 22.98 22.48
C MET A 742 17.99 24.03 21.50
N HIS A 743 17.56 25.21 21.96
CA HIS A 743 17.10 26.22 21.03
C HIS A 743 17.73 27.61 21.20
N PHE A 744 18.70 27.80 22.12
CA PHE A 744 19.44 29.05 22.08
C PHE A 744 20.42 29.12 20.92
N LEU A 745 20.51 28.09 20.10
CA LEU A 745 21.21 28.22 18.82
C LEU A 745 20.27 28.47 17.67
N THR A 746 18.98 28.18 17.85
CA THR A 746 17.97 28.35 16.82
C THR A 746 17.09 29.57 17.04
N VAL A 747 17.24 30.27 18.17
CA VAL A 747 16.47 31.49 18.39
C VAL A 747 16.61 32.44 17.21
N PHE A 748 17.85 32.83 16.91
CA PHE A 748 18.09 33.72 15.78
C PHE A 748 17.50 33.17 14.49
N TRP A 749 17.69 31.87 14.24
CA TRP A 749 17.29 31.33 12.96
C TRP A 749 15.79 31.35 12.79
N LYS A 750 15.07 30.87 13.80
CA LYS A 750 13.61 30.86 13.75
C LYS A 750 13.06 32.28 13.64
N VAL A 751 13.60 33.23 14.40
CA VAL A 751 13.10 34.59 14.32
C VAL A 751 13.34 35.18 12.93
N LEU A 752 14.53 34.95 12.37
CA LEU A 752 14.82 35.44 11.04
C LEU A 752 14.02 34.67 9.97
N PHE A 753 13.44 33.53 10.34
CA PHE A 753 12.70 32.73 9.39
C PHE A 753 11.19 32.90 9.50
N ALA A 754 10.72 33.62 10.50
CA ALA A 754 9.30 33.96 10.53
C ALA A 754 9.00 35.25 9.79
N PHE A 755 9.97 36.17 9.70
CA PHE A 755 9.76 37.42 8.96
C PHE A 755 9.41 37.17 7.51
N VAL A 756 10.37 36.65 6.74
CA VAL A 756 10.32 36.73 5.28
C VAL A 756 9.42 35.70 4.59
N PRO A 757 9.37 34.45 5.03
CA PRO A 757 8.44 33.49 4.42
C PRO A 757 7.13 33.38 5.18
N PRO A 758 6.20 34.32 4.98
CA PRO A 758 4.91 34.22 5.71
C PRO A 758 4.11 33.05 5.18
N THR A 759 3.18 32.55 6.00
CA THR A 759 2.46 31.33 5.65
C THR A 759 1.59 31.50 4.41
N GLU A 760 0.89 30.43 4.03
CA GLU A 760 0.31 30.30 2.71
C GLU A 760 -0.92 31.19 2.54
N TYR A 761 -0.68 32.49 2.34
CA TYR A 761 -1.77 33.40 2.02
C TYR A 761 -2.19 33.25 0.56
N TRP A 762 -1.24 32.95 -0.32
CA TRP A 762 -1.51 32.76 -1.73
C TRP A 762 -1.87 31.32 -2.07
N ASN A 763 -2.39 30.58 -1.09
CA ASN A 763 -2.81 29.19 -1.27
C ASN A 763 -1.63 28.31 -1.74
N GLY A 764 -0.54 28.36 -0.97
CA GLY A 764 0.57 27.46 -1.14
C GLY A 764 1.84 28.13 -1.64
N TRP A 765 1.72 29.16 -2.48
CA TRP A 765 2.88 29.79 -3.10
C TRP A 765 3.37 31.02 -2.34
N ALA A 766 2.93 31.24 -1.11
CA ALA A 766 3.40 32.40 -0.36
C ALA A 766 4.67 32.12 0.43
N CYS A 767 5.22 30.92 0.32
CA CYS A 767 6.44 30.55 1.03
C CYS A 767 7.45 29.93 0.07
N PHE A 768 6.95 29.30 -1.00
CA PHE A 768 7.80 28.72 -2.02
C PHE A 768 8.37 29.77 -2.97
N ILE A 769 7.83 30.99 -2.96
CA ILE A 769 8.41 32.08 -3.74
C ILE A 769 9.39 32.90 -2.93
N VAL A 770 9.61 32.57 -1.66
CA VAL A 770 10.52 33.30 -0.78
C VAL A 770 11.59 32.38 -0.20
N SER A 771 11.18 31.23 0.32
CA SER A 771 12.14 30.32 0.94
C SER A 771 13.18 29.85 -0.06
N ILE A 772 12.86 29.83 -1.35
CA ILE A 772 13.87 29.50 -2.34
C ILE A 772 14.93 30.59 -2.40
N LEU A 773 14.52 31.85 -2.30
CA LEU A 773 15.49 32.95 -2.29
C LEU A 773 16.36 32.88 -1.03
N MET A 774 15.76 32.53 0.10
CA MET A 774 16.55 32.44 1.33
C MET A 774 17.51 31.25 1.27
N ILE A 775 17.10 30.15 0.63
CA ILE A 775 18.04 29.06 0.39
C ILE A 775 19.17 29.54 -0.50
N GLY A 776 18.85 30.37 -1.49
CA GLY A 776 19.90 30.96 -2.33
C GLY A 776 20.90 31.75 -1.50
N LEU A 777 20.41 32.59 -0.60
CA LEU A 777 21.29 33.38 0.25
C LEU A 777 22.17 32.48 1.12
N LEU A 778 21.54 31.53 1.81
CA LEU A 778 22.28 30.70 2.75
C LEU A 778 23.29 29.81 2.03
N THR A 779 22.93 29.31 0.84
CA THR A 779 23.87 28.48 0.10
C THR A 779 24.97 29.30 -0.54
N ALA A 780 24.71 30.58 -0.87
CA ALA A 780 25.81 31.46 -1.25
C ALA A 780 26.80 31.59 -0.11
N PHE A 781 26.29 31.81 1.11
CA PHE A 781 27.17 31.85 2.27
C PHE A 781 27.96 30.55 2.42
N ILE A 782 27.28 29.40 2.24
CA ILE A 782 27.96 28.12 2.40
C ILE A 782 29.05 27.94 1.37
N GLY A 783 28.75 28.25 0.10
CA GLY A 783 29.75 28.12 -0.94
C GLY A 783 30.97 28.98 -0.68
N ASP A 784 30.75 30.25 -0.33
CA ASP A 784 31.86 31.15 -0.07
C ASP A 784 32.69 30.68 1.12
N LEU A 785 32.03 30.29 2.20
CA LEU A 785 32.77 29.94 3.40
C LEU A 785 33.50 28.61 3.23
N ALA A 786 32.88 27.64 2.56
CA ALA A 786 33.57 26.37 2.32
C ALA A 786 34.73 26.58 1.36
N SER A 787 34.59 27.49 0.40
CA SER A 787 35.70 27.83 -0.47
C SER A 787 36.85 28.44 0.33
N HIS A 788 36.53 29.29 1.30
CA HIS A 788 37.56 30.00 2.04
C HIS A 788 38.07 29.24 3.26
N PHE A 789 37.46 28.12 3.62
CA PHE A 789 37.95 27.28 4.70
C PHE A 789 38.84 26.17 4.15
N GLY A 790 38.34 25.41 3.20
CA GLY A 790 39.23 24.60 2.38
C GLY A 790 40.20 25.47 1.62
N CYS A 791 41.46 25.02 1.58
CA CYS A 791 42.59 25.78 1.06
C CYS A 791 42.98 26.94 1.97
N THR A 792 42.60 26.87 3.24
CA THR A 792 43.12 27.76 4.28
C THR A 792 43.95 26.99 5.30
N ILE A 793 43.36 25.94 5.89
CA ILE A 793 44.13 24.99 6.68
C ILE A 793 45.05 24.16 5.78
N GLY A 794 44.84 24.22 4.47
CA GLY A 794 45.56 23.40 3.52
C GLY A 794 44.77 22.24 2.98
N LEU A 795 43.57 21.99 3.50
CA LEU A 795 42.74 20.88 3.04
C LEU A 795 42.23 21.16 1.64
N LYS A 796 42.31 20.15 0.77
CA LYS A 796 41.82 20.30 -0.59
C LYS A 796 40.34 20.59 -0.61
N ASP A 797 39.93 21.42 -1.58
CA ASP A 797 38.55 21.89 -1.63
C ASP A 797 37.57 20.75 -1.82
N SER A 798 37.90 19.77 -2.65
CA SER A 798 36.98 18.67 -2.94
C SER A 798 36.67 17.86 -1.69
N VAL A 799 37.68 17.61 -0.84
CA VAL A 799 37.51 16.72 0.29
C VAL A 799 36.42 17.22 1.23
N THR A 800 36.45 18.51 1.56
CA THR A 800 35.51 19.05 2.54
C THR A 800 34.07 18.99 2.04
N ALA A 801 33.87 18.75 0.75
CA ALA A 801 32.52 18.46 0.27
C ALA A 801 32.07 17.08 0.72
N VAL A 802 32.83 16.04 0.36
CA VAL A 802 32.41 14.68 0.65
C VAL A 802 32.40 14.42 2.15
N VAL A 803 33.18 15.17 2.93
CA VAL A 803 33.26 14.95 4.37
C VAL A 803 32.35 15.91 5.13
N PHE A 804 32.46 17.21 4.86
CA PHE A 804 31.88 18.23 5.73
C PHE A 804 30.57 18.82 5.20
N VAL A 805 30.59 19.33 3.96
CA VAL A 805 29.42 20.02 3.44
C VAL A 805 28.28 19.05 3.18
N ALA A 806 28.60 17.83 2.76
CA ALA A 806 27.55 16.89 2.37
C ALA A 806 26.67 16.49 3.56
N LEU A 807 27.28 16.28 4.72
CA LEU A 807 26.50 15.87 5.89
C LEU A 807 25.60 16.99 6.40
N GLY A 808 25.81 18.23 5.96
CA GLY A 808 25.02 19.33 6.44
C GLY A 808 24.01 19.82 5.43
N THR A 809 24.33 19.68 4.14
CA THR A 809 23.38 20.04 3.09
C THR A 809 22.25 19.04 2.96
N SER A 810 22.36 17.87 3.58
CA SER A 810 21.40 16.79 3.40
C SER A 810 20.85 16.29 4.72
N VAL A 811 20.67 17.20 5.68
CA VAL A 811 20.05 16.86 6.96
C VAL A 811 18.53 16.78 6.81
N PRO A 812 17.88 17.68 6.06
CA PRO A 812 16.42 17.51 5.84
C PRO A 812 16.04 16.15 5.31
N ASP A 813 16.88 15.59 4.45
CA ASP A 813 16.49 14.30 3.83
C ASP A 813 16.40 13.30 4.98
N THR A 814 17.40 13.27 5.84
CA THR A 814 17.43 12.28 6.91
C THR A 814 16.15 12.33 7.73
N PHE A 815 15.70 13.53 8.10
CA PHE A 815 14.48 13.65 8.89
C PHE A 815 13.26 13.19 8.10
N ALA A 816 13.18 13.58 6.82
CA ALA A 816 12.03 13.18 6.02
C ALA A 816 11.93 11.66 5.93
N SER A 817 13.03 11.01 5.54
CA SER A 817 13.01 9.56 5.42
C SER A 817 12.77 8.88 6.76
N LYS A 818 13.39 9.39 7.83
CA LYS A 818 13.22 8.79 9.14
C LYS A 818 11.76 8.82 9.58
N VAL A 819 11.11 9.98 9.46
CA VAL A 819 9.72 10.07 9.89
C VAL A 819 8.83 9.23 8.99
N ALA A 820 9.12 9.20 7.69
CA ALA A 820 8.31 8.39 6.79
C ALA A 820 8.42 6.91 7.15
N ALA A 821 9.62 6.45 7.48
CA ALA A 821 9.81 5.04 7.84
C ALA A 821 9.12 4.72 9.16
N THR A 822 9.36 5.53 10.18
CA THR A 822 8.82 5.21 11.50
C THR A 822 7.33 5.47 11.62
N GLN A 823 6.71 6.13 10.65
CA GLN A 823 5.31 6.49 10.83
C GLN A 823 4.34 5.65 9.99
N ASP A 824 4.69 5.36 8.74
CA ASP A 824 3.78 4.63 7.86
C ASP A 824 3.89 3.12 8.12
N GLN A 825 3.32 2.33 7.21
CA GLN A 825 3.35 0.88 7.34
C GLN A 825 4.31 0.20 6.36
N TYR A 826 4.64 0.84 5.24
CA TYR A 826 5.58 0.30 4.28
C TYR A 826 6.92 1.02 4.40
N ALA A 827 7.85 0.69 3.51
CA ALA A 827 9.17 1.33 3.50
C ALA A 827 9.62 1.61 2.07
N ASP A 828 8.71 2.11 1.24
CA ASP A 828 9.11 2.51 -0.11
C ASP A 828 9.19 4.01 -0.28
N ALA A 829 8.37 4.78 0.45
CA ALA A 829 8.55 6.22 0.48
C ALA A 829 9.88 6.60 1.11
N SER A 830 10.28 5.90 2.17
CA SER A 830 11.52 6.21 2.88
C SER A 830 12.75 5.94 2.04
N ILE A 831 12.61 5.15 0.98
CA ILE A 831 13.74 4.83 0.10
C ILE A 831 13.49 5.52 -1.23
N GLY A 832 12.21 5.76 -1.54
CA GLY A 832 11.89 6.63 -2.66
C GLY A 832 12.49 8.00 -2.48
N ASN A 833 12.51 8.50 -1.24
CA ASN A 833 13.16 9.77 -0.95
C ASN A 833 14.64 9.74 -1.33
N VAL A 834 15.35 8.70 -0.89
CA VAL A 834 16.78 8.60 -1.17
C VAL A 834 17.02 8.55 -2.68
N THR A 835 16.29 7.67 -3.37
CA THR A 835 16.50 7.50 -4.80
C THR A 835 16.16 8.77 -5.57
N GLY A 836 15.05 9.43 -5.20
CA GLY A 836 14.69 10.66 -5.87
C GLY A 836 15.69 11.77 -5.64
N SER A 837 16.15 11.92 -4.40
CA SER A 837 17.17 12.92 -4.13
C SER A 837 18.43 12.66 -4.94
N ASN A 838 18.88 11.40 -4.97
CA ASN A 838 20.10 11.09 -5.71
C ASN A 838 19.94 11.35 -7.20
N ALA A 839 18.75 11.11 -7.73
CA ALA A 839 18.55 11.35 -9.16
C ALA A 839 18.47 12.84 -9.46
N VAL A 840 17.69 13.59 -8.68
CA VAL A 840 17.45 14.98 -9.00
C VAL A 840 18.70 15.82 -8.74
N ASN A 841 19.43 15.55 -7.65
CA ASN A 841 20.68 16.24 -7.38
C ASN A 841 21.52 16.29 -8.64
N VAL A 842 21.97 15.12 -9.08
CA VAL A 842 22.90 15.08 -10.20
C VAL A 842 22.25 15.60 -11.46
N PHE A 843 21.07 15.08 -11.83
CA PHE A 843 20.50 15.46 -13.13
C PHE A 843 20.26 16.95 -13.20
N LEU A 844 19.48 17.50 -12.28
CA LEU A 844 19.11 18.90 -12.36
C LEU A 844 20.30 19.81 -12.12
N GLY A 845 21.08 19.55 -11.05
CA GLY A 845 22.23 20.36 -10.76
C GLY A 845 23.21 20.46 -11.91
N ILE A 846 23.72 19.32 -12.40
CA ILE A 846 24.70 19.43 -13.47
C ILE A 846 24.04 19.95 -14.72
N GLY A 847 22.76 19.63 -14.95
CA GLY A 847 22.11 20.10 -16.14
C GLY A 847 22.13 21.60 -16.21
N VAL A 848 21.61 22.25 -15.17
CA VAL A 848 21.52 23.71 -15.21
C VAL A 848 22.92 24.33 -15.18
N ALA A 849 23.77 23.90 -14.24
CA ALA A 849 25.06 24.56 -14.06
C ALA A 849 25.95 24.39 -15.29
N TRP A 850 26.06 23.17 -15.80
CA TRP A 850 26.95 22.95 -16.92
C TRP A 850 26.30 23.33 -18.25
N SER A 851 24.97 23.35 -18.34
CA SER A 851 24.34 23.92 -19.52
C SER A 851 24.67 25.39 -19.65
N ILE A 852 24.55 26.16 -18.55
CA ILE A 852 24.85 27.58 -18.65
C ILE A 852 26.33 27.80 -18.88
N ALA A 853 27.19 27.00 -18.24
CA ALA A 853 28.63 27.14 -18.47
C ALA A 853 28.98 26.88 -19.94
N ALA A 854 28.54 25.74 -20.47
CA ALA A 854 28.85 25.39 -21.85
C ALA A 854 28.27 26.40 -22.82
N ILE A 855 27.05 26.87 -22.57
CA ILE A 855 26.44 27.85 -23.48
C ILE A 855 27.19 29.16 -23.45
N TYR A 856 27.62 29.60 -22.25
CA TYR A 856 28.41 30.82 -22.17
C TYR A 856 29.69 30.70 -22.96
N HIS A 857 30.41 29.59 -22.78
CA HIS A 857 31.62 29.42 -23.57
C HIS A 857 31.33 29.21 -25.05
N ALA A 858 30.11 28.81 -25.39
CA ALA A 858 29.72 28.69 -26.79
C ALA A 858 29.50 30.05 -27.43
N ALA A 859 28.91 30.99 -26.68
CA ALA A 859 28.60 32.30 -27.23
C ALA A 859 29.85 33.04 -27.70
N ASN A 860 31.03 32.65 -27.22
CA ASN A 860 32.28 33.21 -27.69
C ASN A 860 33.33 32.13 -27.99
N GLY A 861 32.91 30.87 -28.08
CA GLY A 861 33.76 29.81 -28.60
C GLY A 861 34.87 29.31 -27.70
N GLU A 862 34.53 28.69 -26.57
CA GLU A 862 35.51 28.06 -25.70
C GLU A 862 35.02 26.67 -25.29
N GLN A 863 35.92 25.88 -24.74
CA GLN A 863 35.73 24.44 -24.61
C GLN A 863 35.19 24.00 -23.25
N PHE A 864 35.32 24.82 -22.21
CA PHE A 864 34.88 24.43 -20.86
C PHE A 864 35.63 23.18 -20.39
N LYS A 865 36.94 23.33 -20.23
CA LYS A 865 37.81 22.21 -19.90
C LYS A 865 37.66 21.76 -18.45
N VAL A 866 36.56 21.10 -18.12
CA VAL A 866 36.37 20.58 -16.78
C VAL A 866 37.47 19.54 -16.49
N SER A 867 37.74 19.32 -15.22
CA SER A 867 38.81 18.43 -14.82
C SER A 867 38.35 16.98 -14.92
N PRO A 868 39.03 16.14 -15.70
CA PRO A 868 38.62 14.74 -15.79
C PRO A 868 38.85 14.01 -14.48
N GLY A 869 40.05 14.16 -13.93
CA GLY A 869 40.38 13.48 -12.69
C GLY A 869 39.72 14.14 -11.50
N THR A 870 40.10 13.63 -10.32
CA THR A 870 39.71 14.19 -9.02
C THR A 870 38.23 13.93 -8.74
N LEU A 871 37.52 13.41 -9.72
CA LEU A 871 36.12 13.04 -9.58
C LEU A 871 35.83 11.62 -10.05
N ALA A 872 36.51 11.17 -11.12
CA ALA A 872 36.25 9.87 -11.68
C ALA A 872 36.38 8.77 -10.65
N PHE A 873 37.45 8.82 -9.84
CA PHE A 873 37.65 7.79 -8.84
C PHE A 873 36.50 7.78 -7.84
N SER A 874 36.01 8.95 -7.44
CA SER A 874 34.91 9.00 -6.49
C SER A 874 33.65 8.39 -7.09
N VAL A 875 33.37 8.68 -8.36
CA VAL A 875 32.19 8.13 -9.02
C VAL A 875 32.28 6.61 -9.08
N THR A 876 33.42 6.08 -9.54
CA THR A 876 33.54 4.63 -9.67
C THR A 876 33.46 3.95 -8.32
N LEU A 877 34.11 4.51 -7.30
CA LEU A 877 34.05 3.93 -5.98
C LEU A 877 32.63 3.94 -5.45
N PHE A 878 31.90 5.03 -5.68
CA PHE A 878 30.52 5.09 -5.23
C PHE A 878 29.66 4.06 -5.95
N THR A 879 29.88 3.86 -7.26
CA THR A 879 29.08 2.87 -7.97
C THR A 879 29.33 1.47 -7.44
N ILE A 880 30.60 1.13 -7.17
CA ILE A 880 30.88 -0.19 -6.58
C ILE A 880 30.17 -0.32 -5.24
N PHE A 881 30.32 0.68 -4.38
CA PHE A 881 29.69 0.62 -3.08
C PHE A 881 28.16 0.63 -3.18
N ALA A 882 27.62 1.24 -4.23
CA ALA A 882 26.18 1.28 -4.41
C ALA A 882 25.65 -0.06 -4.86
N PHE A 883 26.40 -0.77 -5.69
CA PHE A 883 26.03 -2.15 -6.01
C PHE A 883 26.06 -3.02 -4.76
N ILE A 884 27.08 -2.86 -3.92
CA ILE A 884 27.09 -3.59 -2.66
C ILE A 884 25.87 -3.22 -1.81
N ASN A 885 25.49 -1.94 -1.83
CA ASN A 885 24.33 -1.48 -1.09
C ASN A 885 23.06 -2.17 -1.57
N VAL A 886 22.74 -2.01 -2.86
CA VAL A 886 21.55 -2.62 -3.43
C VAL A 886 21.54 -4.13 -3.20
N GLY A 887 22.71 -4.75 -3.22
CA GLY A 887 22.80 -6.17 -2.94
C GLY A 887 22.41 -6.53 -1.52
N VAL A 888 23.17 -6.04 -0.54
CA VAL A 888 22.91 -6.40 0.84
C VAL A 888 21.58 -5.86 1.33
N LEU A 889 20.98 -4.92 0.60
CA LEU A 889 19.64 -4.44 0.93
C LEU A 889 18.67 -5.61 1.00
N LEU A 890 18.63 -6.42 -0.05
CA LEU A 890 17.93 -7.69 0.02
C LEU A 890 18.72 -8.64 0.92
N TYR A 891 18.30 -8.76 2.17
CA TYR A 891 19.04 -9.52 3.16
C TYR A 891 19.29 -10.94 2.67
N ARG A 892 20.52 -11.40 2.85
CA ARG A 892 20.81 -12.82 2.81
C ARG A 892 19.78 -13.59 3.63
N ARG A 893 19.17 -14.60 3.01
CA ARG A 893 18.22 -15.47 3.69
C ARG A 893 17.01 -14.67 4.20
N ARG A 894 16.59 -13.68 3.41
CA ARG A 894 15.66 -12.66 3.91
C ARG A 894 14.36 -13.18 4.51
N PRO A 895 13.68 -14.20 3.98
CA PRO A 895 12.38 -14.59 4.55
C PRO A 895 12.41 -14.86 6.04
N GLU A 896 13.51 -15.41 6.57
CA GLU A 896 13.67 -15.57 8.02
C GLU A 896 14.79 -14.71 8.57
N ILE A 897 15.18 -13.66 7.84
CA ILE A 897 15.95 -12.56 8.41
C ILE A 897 15.05 -11.34 8.29
N GLY A 898 13.75 -11.56 8.43
CA GLY A 898 12.80 -10.49 8.61
C GLY A 898 12.54 -9.71 7.33
N GLY A 899 11.70 -8.69 7.49
CA GLY A 899 11.41 -7.77 6.42
C GLY A 899 12.58 -6.86 6.09
N GLU A 900 12.30 -5.73 5.44
CA GLU A 900 13.38 -4.87 4.98
C GLU A 900 14.07 -4.15 6.13
N LEU A 901 13.30 -3.63 7.08
CA LEU A 901 13.85 -2.72 8.08
C LEU A 901 14.23 -3.40 9.39
N GLY A 902 13.28 -4.01 10.07
CA GLY A 902 13.51 -4.42 11.44
C GLY A 902 12.80 -5.71 11.80
N GLY A 903 13.06 -6.16 13.02
CA GLY A 903 12.54 -7.40 13.52
C GLY A 903 13.62 -8.39 13.90
N PRO A 904 14.63 -8.56 13.04
CA PRO A 904 15.82 -9.32 13.44
C PRO A 904 16.84 -8.44 14.16
N ARG A 905 17.22 -8.84 15.38
CA ARG A 905 18.22 -8.08 16.11
C ARG A 905 19.54 -8.00 15.34
N THR A 906 20.01 -9.14 14.83
CA THR A 906 21.30 -9.16 14.15
C THR A 906 21.30 -8.26 12.92
N ALA A 907 20.29 -8.37 12.07
CA ALA A 907 20.22 -7.52 10.89
C ALA A 907 20.10 -6.06 11.28
N LYS A 908 19.07 -5.73 12.05
CA LYS A 908 18.82 -4.34 12.44
C LYS A 908 20.03 -3.71 13.11
N LEU A 909 20.85 -4.51 13.79
CA LEU A 909 21.94 -3.99 14.60
C LEU A 909 23.30 -4.15 13.96
N LEU A 910 23.40 -4.79 12.79
CA LEU A 910 24.71 -4.93 12.18
C LEU A 910 24.73 -4.44 10.73
N THR A 911 23.60 -4.47 10.04
CA THR A 911 23.53 -3.90 8.70
C THR A 911 23.77 -2.39 8.73
N SER A 912 23.23 -1.72 9.75
CA SER A 912 23.47 -0.29 9.91
C SER A 912 24.95 -0.01 10.08
N CYS A 913 25.63 -0.79 10.94
CA CYS A 913 27.06 -0.60 11.14
C CYS A 913 27.84 -0.90 9.87
N LEU A 914 27.38 -1.89 9.10
CA LEU A 914 28.00 -2.16 7.81
C LEU A 914 27.88 -0.97 6.88
N PHE A 915 26.69 -0.36 6.80
CA PHE A 915 26.52 0.78 5.92
C PHE A 915 27.35 1.97 6.38
N VAL A 916 27.43 2.19 7.69
CA VAL A 916 28.25 3.27 8.22
C VAL A 916 29.72 3.01 7.89
N LEU A 917 30.16 1.76 8.00
CA LEU A 917 31.52 1.42 7.62
C LEU A 917 31.76 1.64 6.13
N LEU A 918 30.78 1.32 5.29
CA LEU A 918 30.94 1.54 3.86
C LEU A 918 31.07 3.02 3.55
N TRP A 919 30.22 3.85 4.15
CA TRP A 919 30.34 5.29 3.95
C TRP A 919 31.68 5.81 4.46
N LEU A 920 32.12 5.30 5.61
CA LEU A 920 33.40 5.71 6.17
C LEU A 920 34.54 5.35 5.22
N LEU A 921 34.52 4.14 4.66
CA LEU A 921 35.52 3.77 3.67
C LEU A 921 35.45 4.67 2.45
N TYR A 922 34.25 5.05 2.03
CA TYR A 922 34.14 5.92 0.87
C TYR A 922 34.83 7.26 1.12
N ILE A 923 34.49 7.90 2.23
CA ILE A 923 35.09 9.21 2.52
C ILE A 923 36.58 9.06 2.78
N PHE A 924 36.98 7.95 3.42
CA PHE A 924 38.37 7.70 3.73
C PHE A 924 39.20 7.56 2.46
N PHE A 925 38.67 6.86 1.47
CA PHE A 925 39.45 6.63 0.26
C PHE A 925 39.36 7.81 -0.70
N SER A 926 38.27 8.58 -0.67
CA SER A 926 38.27 9.85 -1.38
C SER A 926 39.35 10.77 -0.83
N SER A 927 39.43 10.87 0.50
CA SER A 927 40.46 11.69 1.13
C SER A 927 41.86 11.16 0.79
N LEU A 928 42.05 9.84 0.83
CA LEU A 928 43.35 9.26 0.49
C LEU A 928 43.74 9.55 -0.95
N GLU A 929 42.80 9.41 -1.89
CA GLU A 929 43.08 9.70 -3.28
C GLU A 929 43.42 11.17 -3.47
N ALA A 930 42.81 12.05 -2.68
CA ALA A 930 43.18 13.46 -2.76
C ALA A 930 44.53 13.74 -2.10
N TYR A 931 44.90 12.93 -1.10
CA TYR A 931 46.20 13.09 -0.45
C TYR A 931 47.33 12.70 -1.39
N CYS A 932 47.34 11.44 -1.83
CA CYS A 932 48.50 10.91 -2.54
C CYS A 932 48.30 10.78 -4.04
N HIS A 933 47.08 10.50 -4.49
CA HIS A 933 46.75 10.44 -5.92
C HIS A 933 47.46 9.30 -6.64
N ILE A 934 48.21 8.48 -5.89
CA ILE A 934 48.95 7.38 -6.49
C ILE A 934 48.04 6.20 -6.80
N LYS A 935 46.74 6.32 -6.52
CA LYS A 935 45.81 5.24 -6.76
C LYS A 935 45.82 4.85 -8.24
N GLY A 936 45.35 3.63 -8.51
CA GLY A 936 45.47 3.08 -9.86
C GLY A 936 44.82 3.92 -10.95
N PHE A 937 43.94 4.84 -10.57
CA PHE A 937 43.33 5.75 -11.53
C PHE A 937 44.17 7.01 -11.71
C10 EKY B . 9.65 7.37 -5.39
C13 EKY B . 12.99 7.64 -11.42
C15 EKY B . 13.80 8.14 -9.23
C17 EKY B . 10.68 6.67 -6.01
C20 EKY B . 13.98 7.54 -10.46
C21 EKY B . 6.43 5.66 -3.48
C22 EKY B . 6.20 4.05 -5.24
C24 EKY B . 5.23 5.22 -2.94
C26 EKY B . 4.51 4.22 -3.55
C07 EKY B . 8.24 5.52 -5.24
C08 EKY B . 12.64 8.82 -8.94
C09 EKY B . 6.92 5.06 -4.63
C11 EKY B . 11.53 8.72 -6.91
C12 EKY B . 11.64 8.91 -9.90
C14 EKY B . 11.81 8.32 -11.14
C16 EKY B . 9.58 8.74 -5.52
C18 EKY B . 10.52 9.42 -6.29
C19 EKY B . 11.61 7.35 -6.77
C23 EKY B . 5.01 3.62 -4.70
C25 EKY B . 13.14 7.95 -13.74
C27 EKY B . 13.20 7.20 -15.06
F01 EKY B . 7.12 6.66 -2.88
F02 EKY B . 4.31 2.62 -5.30
N06 EKY B . 10.41 9.63 -9.61
O03 EKY B . 8.71 6.68 -4.62
O04 EKY B . 12.48 9.40 -7.67
O05 EKY B . 13.16 7.04 -12.68
#